data_3NZ8
#
_entry.id   3NZ8
#
_cell.length_a   100.071
_cell.length_b   100.071
_cell.length_c   196.763
_cell.angle_alpha   90.00
_cell.angle_beta   90.00
_cell.angle_gamma   120.00
#
_symmetry.space_group_name_H-M   'P 32 2 1'
#
loop_
_entity.id
_entity.type
_entity.pdbx_description
1 polymer 'Mouse anti V3 antibody 7C8 Fab, heavy chain'
2 polymer 'Mouse anti V3 antibody 7C8 Fab, light chain'
3 non-polymer GLYCEROL
4 water water
#
loop_
_entity_poly.entity_id
_entity_poly.type
_entity_poly.pdbx_seq_one_letter_code
_entity_poly.pdbx_strand_id
1 'polypeptide(L)'
;AVQLEESGPELVKPGALVKISCKASGYTFTTYDINWVKQRPGQGLEWIGWIYPGDGSNKYNEKFKDKATLTVDKSSSTAY
MHLSSLTSENSAVYFCARGYGKNVYAMDYWGQGTSVTVSSAKTTPPSVYPLAPGSAAQTNSMVTLGCLVKGYFPEPVTVT
WNSGSLSSGVHTFPAVLQSDLYTLSSSVTVPSSTWPSETVTCNVAHPASSTKVDKKIVPRD
;
A,H
2 'polypeptide(L)'
;DVVMTQTPLSLPVSLGDQASISCRSSQTIVHSNGYTYLDWYLQKPGQSPKLLIYKVSNRFSGVPDRFSGSGSGTDFTLKI
SRVEAEDLGVYYCFQGSHVPFTFGSGTKLEIKRADAAPTVSIFPPSSEQLTSGGASVVCFLNNFYPKDINVKWKIDGSER
QNGVLNSWTDQDSKDSTYSMSSTLTLTKDEYERHNSYTCEATHKTSTSPIVKSFNRNE
;
B,L
#
loop_
_chem_comp.id
_chem_comp.type
_chem_comp.name
_chem_comp.formula
GOL non-polymer GLYCEROL 'C3 H8 O3'
#
# COMPACT_ATOMS: atom_id res chain seq x y z
N ALA A 1 5.87 10.01 9.78
CA ALA A 1 5.06 8.76 9.83
C ALA A 1 4.39 8.60 11.20
N VAL A 2 3.06 8.77 11.20
CA VAL A 2 2.26 8.63 12.42
C VAL A 2 2.34 7.20 12.94
N GLN A 3 2.67 7.06 14.22
CA GLN A 3 2.95 5.75 14.79
C GLN A 3 2.44 5.68 16.23
N LEU A 4 2.07 4.47 16.64
CA LEU A 4 1.57 4.25 17.99
C LEU A 4 2.15 2.94 18.51
N GLU A 5 3.07 3.05 19.47
CA GLU A 5 3.77 1.89 20.00
C GLU A 5 3.21 1.49 21.35
N GLU A 6 2.56 0.33 21.38
CA GLU A 6 1.95 -0.17 22.61
C GLU A 6 2.88 -1.15 23.31
N SER A 7 2.72 -1.27 24.63
CA SER A 7 3.54 -2.15 25.45
C SER A 7 3.40 -3.60 25.04
N GLY A 8 4.32 -4.43 25.54
CA GLY A 8 4.30 -5.85 25.23
C GLY A 8 3.22 -6.57 26.00
N PRO A 9 3.09 -7.88 25.75
CA PRO A 9 2.13 -8.78 26.42
C PRO A 9 2.19 -8.66 27.95
N GLU A 10 1.09 -9.01 28.61
CA GLU A 10 1.04 -8.97 30.07
C GLU A 10 0.37 -10.21 30.62
N LEU A 11 1.04 -10.84 31.57
CA LEU A 11 0.44 -11.88 32.38
C LEU A 11 0.31 -11.36 33.81
N VAL A 12 -0.93 -11.30 34.28
CA VAL A 12 -1.23 -10.83 35.64
C VAL A 12 -2.23 -11.76 36.29
N LYS A 13 -2.06 -11.95 37.60
CA LYS A 13 -2.92 -12.84 38.38
C LYS A 13 -4.32 -12.24 38.57
N PRO A 14 -5.35 -13.09 38.72
CA PRO A 14 -6.70 -12.58 38.95
C PRO A 14 -6.79 -11.59 40.11
N GLY A 15 -7.55 -10.53 39.93
CA GLY A 15 -7.73 -9.51 40.96
C GLY A 15 -6.52 -8.62 41.13
N ALA A 16 -5.81 -8.37 40.02
CA ALA A 16 -4.63 -7.52 40.01
C ALA A 16 -4.85 -6.28 39.17
N LEU A 17 -3.78 -5.52 38.96
CA LEU A 17 -3.82 -4.28 38.24
C LEU A 17 -2.76 -4.28 37.16
N VAL A 18 -3.11 -3.80 35.97
CA VAL A 18 -2.14 -3.58 34.88
C VAL A 18 -2.21 -2.17 34.33
N LYS A 19 -1.04 -1.67 33.98
CA LYS A 19 -0.88 -0.37 33.36
C LYS A 19 -0.41 -0.62 31.93
N ILE A 20 -1.28 -0.34 30.96
CA ILE A 20 -0.99 -0.49 29.54
C ILE A 20 -0.53 0.85 28.98
N SER A 21 0.53 0.86 28.18
CA SER A 21 1.08 2.13 27.70
C SER A 21 1.11 2.21 26.17
N CYS A 22 1.04 3.43 25.64
CA CYS A 22 0.95 3.67 24.21
C CYS A 22 1.67 4.97 23.84
N LYS A 23 2.80 4.82 23.14
CA LYS A 23 3.69 5.93 22.81
C LYS A 23 3.41 6.44 21.39
N ALA A 24 3.15 7.74 21.27
CA ALA A 24 2.84 8.34 19.97
C ALA A 24 4.06 9.04 19.36
N SER A 25 4.18 8.96 18.02
CA SER A 25 5.19 9.70 17.25
C SER A 25 4.58 10.19 15.94
N GLY A 26 5.18 11.23 15.35
CA GLY A 26 4.85 11.64 14.00
C GLY A 26 3.70 12.63 13.84
N TYR A 27 3.18 13.13 14.96
CA TYR A 27 2.15 14.15 14.96
C TYR A 27 2.15 14.86 16.30
N THR A 28 1.45 16.00 16.40
CA THR A 28 1.32 16.68 17.71
C THR A 28 0.33 15.95 18.63
N PHE A 29 0.91 15.12 19.49
CA PHE A 29 0.21 14.32 20.51
C PHE A 29 -0.90 15.07 21.26
N THR A 30 -0.61 16.30 21.67
CA THR A 30 -1.53 17.07 22.48
C THR A 30 -2.78 17.60 21.77
N THR A 31 -2.95 17.29 20.48
CA THR A 31 -4.08 17.87 19.73
C THR A 31 -5.01 16.85 19.08
N TYR A 32 -4.89 15.59 19.48
CA TYR A 32 -5.73 14.52 18.95
C TYR A 32 -6.18 13.56 20.06
N ASP A 33 -7.44 13.17 20.03
CA ASP A 33 -7.98 12.19 20.96
C ASP A 33 -7.22 10.89 20.87
N ILE A 34 -7.02 10.24 22.01
CA ILE A 34 -6.53 8.88 22.04
C ILE A 34 -7.69 8.00 22.48
N ASN A 35 -7.92 6.94 21.71
CA ASN A 35 -9.01 6.03 21.97
C ASN A 35 -8.52 4.66 22.37
N TRP A 36 -9.32 3.95 23.16
CA TRP A 36 -9.05 2.57 23.47
C TRP A 36 -10.20 1.65 23.09
N VAL A 37 -9.84 0.50 22.53
CA VAL A 37 -10.81 -0.47 22.06
C VAL A 37 -10.44 -1.84 22.62
N LYS A 38 -11.43 -2.53 23.19
CA LYS A 38 -11.25 -3.89 23.69
C LYS A 38 -11.57 -4.86 22.57
N GLN A 39 -10.85 -5.97 22.56
CA GLN A 39 -11.18 -7.10 21.71
C GLN A 39 -10.90 -8.43 22.40
N ARG A 40 -11.98 -9.13 22.75
CA ARG A 40 -11.89 -10.42 23.43
C ARG A 40 -11.47 -11.54 22.46
N PRO A 41 -10.75 -12.56 22.98
CA PRO A 41 -10.39 -13.74 22.18
C PRO A 41 -11.66 -14.36 21.60
N GLY A 42 -11.67 -14.52 20.29
CA GLY A 42 -12.89 -14.73 19.56
C GLY A 42 -13.04 -13.45 18.77
N GLN A 43 -14.26 -12.94 18.68
CA GLN A 43 -14.54 -11.79 17.81
C GLN A 43 -15.02 -10.56 18.59
N GLY A 44 -14.99 -9.40 17.94
CA GLY A 44 -15.70 -8.22 18.43
C GLY A 44 -14.84 -7.08 18.95
N LEU A 45 -15.18 -5.86 18.54
CA LEU A 45 -14.53 -4.65 19.02
C LEU A 45 -15.46 -3.83 19.90
N GLU A 46 -14.92 -3.28 20.98
CA GLU A 46 -15.71 -2.53 21.95
C GLU A 46 -14.91 -1.30 22.35
N TRP A 47 -15.52 -0.12 22.22
CA TRP A 47 -14.86 1.14 22.53
C TRP A 47 -14.88 1.42 24.03
N ILE A 48 -13.69 1.67 24.59
CA ILE A 48 -13.55 1.89 26.03
C ILE A 48 -13.69 3.37 26.37
N GLY A 49 -12.91 4.21 25.71
CA GLY A 49 -12.97 5.65 25.93
C GLY A 49 -11.93 6.43 25.15
N TRP A 50 -12.02 7.76 25.21
CA TRP A 50 -10.93 8.61 24.73
C TRP A 50 -10.40 9.53 25.83
N ILE A 51 -9.12 9.87 25.71
CA ILE A 51 -8.50 10.94 26.50
C ILE A 51 -8.00 12.00 25.51
N TYR A 52 -8.10 13.28 25.88
CA TYR A 52 -7.51 14.35 25.06
C TYR A 52 -6.24 14.84 25.77
N PRO A 53 -5.07 14.45 25.25
CA PRO A 53 -3.83 14.65 25.98
C PRO A 53 -3.53 16.11 26.27
N GLY A 54 -4.06 17.01 25.46
CA GLY A 54 -3.83 18.44 25.65
C GLY A 54 -4.22 19.00 26.99
N ASP A 55 -5.36 18.58 27.52
CA ASP A 55 -5.83 19.09 28.80
C ASP A 55 -6.24 17.96 29.75
N GLY A 56 -6.09 16.72 29.28
CA GLY A 56 -6.39 15.57 30.09
C GLY A 56 -7.87 15.29 30.24
N SER A 57 -8.71 15.96 29.44
CA SER A 57 -10.14 15.69 29.48
C SER A 57 -10.40 14.33 28.89
N ASN A 58 -11.46 13.67 29.34
CA ASN A 58 -11.76 12.33 28.86
C ASN A 58 -13.25 12.04 28.71
N LYS A 59 -13.54 10.91 28.07
CA LYS A 59 -14.87 10.35 28.03
C LYS A 59 -14.73 8.86 28.12
N TYR A 60 -15.52 8.25 28.97
CA TYR A 60 -15.52 6.81 29.17
C TYR A 60 -16.85 6.24 28.74
N ASN A 61 -16.82 4.99 28.30
CA ASN A 61 -18.01 4.19 28.17
C ASN A 61 -18.40 3.72 29.58
N GLU A 62 -19.65 3.96 29.97
CA GLU A 62 -20.15 3.61 31.32
C GLU A 62 -19.68 2.25 31.82
N LYS A 63 -19.85 1.24 30.97
CA LYS A 63 -19.51 -0.14 31.33
C LYS A 63 -18.08 -0.30 31.88
N PHE A 64 -17.14 0.47 31.34
CA PHE A 64 -15.72 0.37 31.72
C PHE A 64 -15.25 1.38 32.78
N LYS A 65 -16.13 2.26 33.23
CA LYS A 65 -15.75 3.33 34.16
C LYS A 65 -15.13 2.85 35.46
N ASP A 66 -15.58 1.68 35.92
CA ASP A 66 -15.06 1.09 37.15
C ASP A 66 -13.81 0.22 36.96
N LYS A 67 -13.53 -0.17 35.72
CA LYS A 67 -12.39 -1.06 35.48
C LYS A 67 -11.23 -0.41 34.71
N ALA A 68 -11.55 0.63 33.96
CA ALA A 68 -10.58 1.32 33.12
C ALA A 68 -10.32 2.75 33.60
N THR A 69 -9.05 3.09 33.73
CA THR A 69 -8.65 4.46 34.06
C THR A 69 -7.70 4.95 32.98
N LEU A 70 -8.01 6.11 32.40
CA LEU A 70 -7.18 6.70 31.35
C LEU A 70 -6.35 7.85 31.89
N THR A 71 -5.05 7.78 31.67
CA THR A 71 -4.15 8.88 32.00
C THR A 71 -3.25 9.17 30.81
N VAL A 72 -2.48 10.23 30.95
CA VAL A 72 -1.60 10.64 29.88
C VAL A 72 -0.33 11.26 30.47
N ASP A 73 0.77 11.16 29.73
CA ASP A 73 2.00 11.88 30.04
C ASP A 73 2.44 12.69 28.82
N LYS A 74 2.24 14.00 28.90
CA LYS A 74 2.54 14.92 27.81
C LYS A 74 4.01 14.86 27.43
N SER A 75 4.85 14.93 28.45
CA SER A 75 6.30 15.05 28.31
C SER A 75 6.89 13.96 27.43
N SER A 76 6.38 12.73 27.58
CA SER A 76 6.88 11.57 26.86
C SER A 76 5.98 11.16 25.70
N SER A 77 4.98 12.00 25.41
CA SER A 77 3.92 11.68 24.44
C SER A 77 3.32 10.28 24.60
N THR A 78 3.14 9.86 25.84
CA THR A 78 2.60 8.53 26.11
C THR A 78 1.19 8.59 26.68
N ALA A 79 0.32 7.70 26.21
CA ALA A 79 -0.99 7.53 26.80
C ALA A 79 -1.02 6.19 27.52
N TYR A 80 -1.77 6.15 28.61
CA TYR A 80 -1.81 4.99 29.49
C TYR A 80 -3.23 4.52 29.77
N MET A 81 -3.42 3.21 29.86
CA MET A 81 -4.65 2.66 30.41
C MET A 81 -4.34 1.71 31.57
N HIS A 82 -5.01 1.94 32.71
CA HIS A 82 -4.91 1.06 33.86
C HIS A 82 -6.17 0.21 33.95
N LEU A 83 -6.00 -1.10 34.00
CA LEU A 83 -7.12 -2.01 34.18
C LEU A 83 -7.06 -2.64 35.57
N SER A 84 -8.17 -2.57 36.28
CA SER A 84 -8.22 -2.95 37.69
C SER A 84 -9.11 -4.16 37.94
N SER A 85 -8.95 -4.76 39.12
CA SER A 85 -9.78 -5.87 39.59
C SER A 85 -9.95 -6.93 38.48
N LEU A 86 -8.87 -7.65 38.17
CA LEU A 86 -8.85 -8.42 36.92
C LEU A 86 -9.44 -9.83 36.98
N THR A 87 -10.39 -10.08 36.09
CA THR A 87 -11.06 -11.37 35.98
C THR A 87 -10.49 -12.08 34.76
N SER A 88 -10.85 -13.34 34.57
CA SER A 88 -10.45 -14.09 33.38
C SER A 88 -11.11 -13.48 32.13
N GLU A 89 -12.37 -13.08 32.27
CA GLU A 89 -13.13 -12.47 31.18
C GLU A 89 -12.58 -11.13 30.74
N ASN A 90 -11.57 -10.65 31.46
CA ASN A 90 -10.87 -9.42 31.11
C ASN A 90 -9.69 -9.70 30.20
N SER A 91 -9.31 -10.97 30.10
CA SER A 91 -8.26 -11.41 29.18
C SER A 91 -8.68 -11.06 27.76
N ALA A 92 -7.98 -10.10 27.16
CA ALA A 92 -8.32 -9.59 25.84
C ALA A 92 -7.13 -8.85 25.20
N VAL A 93 -7.35 -8.36 23.98
CA VAL A 93 -6.40 -7.50 23.27
C VAL A 93 -6.94 -6.08 23.30
N TYR A 94 -6.12 -5.15 23.78
CA TYR A 94 -6.54 -3.76 23.95
C TYR A 94 -5.78 -2.86 23.00
N PHE A 95 -6.52 -2.10 22.21
CA PHE A 95 -5.94 -1.27 21.16
C PHE A 95 -5.88 0.20 21.51
N CYS A 96 -4.89 0.85 20.91
CA CYS A 96 -4.68 2.28 20.97
C CYS A 96 -5.08 2.85 19.60
N ALA A 97 -5.82 3.95 19.59
CA ALA A 97 -6.11 4.62 18.32
C ALA A 97 -6.18 6.14 18.45
N ARG A 98 -5.51 6.83 17.53
CA ARG A 98 -5.64 8.28 17.42
C ARG A 98 -6.96 8.63 16.74
N GLY A 99 -7.74 9.49 17.37
CA GLY A 99 -9.05 9.88 16.87
C GLY A 99 -9.17 11.36 16.59
N TYR A 100 -10.25 11.96 17.08
CA TYR A 100 -10.68 13.31 16.70
C TYR A 100 -9.63 14.40 16.83
N GLY A 101 -9.68 15.35 15.89
CA GLY A 101 -8.77 16.47 15.84
C GLY A 101 -8.77 17.12 14.46
N LYS A 102 -7.73 17.90 14.16
CA LYS A 102 -7.63 18.62 12.89
C LYS A 102 -7.48 17.65 11.71
N ASN A 103 -8.47 17.68 10.81
CA ASN A 103 -8.50 16.82 9.61
C ASN A 103 -8.57 15.31 9.87
N VAL A 104 -8.84 14.93 11.11
CA VAL A 104 -9.07 13.53 11.47
C VAL A 104 -10.47 13.40 12.05
N TYR A 105 -11.24 12.47 11.50
CA TYR A 105 -12.64 12.32 11.87
C TYR A 105 -12.99 10.87 12.24
N ALA A 106 -11.97 10.04 12.35
CA ALA A 106 -12.13 8.64 12.74
C ALA A 106 -10.88 8.16 13.42
N MET A 107 -10.82 6.86 13.67
CA MET A 107 -9.63 6.27 14.24
C MET A 107 -8.76 5.77 13.09
N ASP A 108 -7.81 6.62 12.70
CA ASP A 108 -7.07 6.43 11.46
C ASP A 108 -5.75 5.71 11.63
N TYR A 109 -5.16 5.79 12.81
CA TYR A 109 -3.95 5.05 13.10
C TYR A 109 -4.12 4.30 14.41
N TRP A 110 -3.91 2.99 14.34
CA TRP A 110 -4.07 2.13 15.48
C TRP A 110 -2.73 1.57 15.88
N GLY A 111 -2.55 1.37 17.20
CA GLY A 111 -1.39 0.65 17.71
C GLY A 111 -1.46 -0.83 17.34
N GLN A 112 -0.43 -1.58 17.67
CA GLN A 112 -0.42 -3.00 17.35
C GLN A 112 -1.24 -3.81 18.35
N GLY A 113 -1.72 -3.15 19.39
CA GLY A 113 -2.49 -3.82 20.44
C GLY A 113 -1.57 -4.41 21.50
N THR A 114 -2.14 -4.64 22.69
CA THR A 114 -1.44 -5.28 23.80
C THR A 114 -2.30 -6.42 24.35
N SER A 115 -1.82 -7.65 24.20
CA SER A 115 -2.53 -8.82 24.68
C SER A 115 -2.35 -8.96 26.17
N VAL A 116 -3.47 -8.98 26.89
CA VAL A 116 -3.49 -9.08 28.36
C VAL A 116 -4.12 -10.40 28.76
N THR A 117 -3.33 -11.27 29.36
CA THR A 117 -3.84 -12.54 29.84
C THR A 117 -3.92 -12.52 31.35
N VAL A 118 -5.07 -12.92 31.88
CA VAL A 118 -5.28 -12.98 33.31
C VAL A 118 -5.45 -14.44 33.71
N SER A 119 -4.44 -14.98 34.38
CA SER A 119 -4.40 -16.39 34.78
C SER A 119 -3.50 -16.50 35.99
N SER A 120 -3.70 -17.53 36.81
CA SER A 120 -2.78 -17.78 37.92
C SER A 120 -1.59 -18.64 37.48
N ALA A 121 -1.61 -19.06 36.21
CA ALA A 121 -0.56 -19.89 35.64
C ALA A 121 0.77 -19.15 35.48
N LYS A 122 1.83 -19.92 35.24
CA LYS A 122 3.18 -19.40 35.25
C LYS A 122 3.67 -19.23 33.84
N THR A 123 4.38 -18.13 33.59
CA THR A 123 5.05 -17.91 32.31
C THR A 123 6.09 -19.00 32.09
N THR A 124 6.00 -19.65 30.94
CA THR A 124 6.92 -20.73 30.60
C THR A 124 7.22 -20.70 29.09
N PRO A 125 8.52 -20.77 28.72
CA PRO A 125 8.92 -20.68 27.32
C PRO A 125 8.61 -21.95 26.54
N PRO A 126 8.50 -21.84 25.20
CA PRO A 126 8.21 -23.01 24.39
C PRO A 126 9.40 -23.95 24.19
N SER A 127 9.10 -25.22 24.02
CA SER A 127 10.04 -26.18 23.48
C SER A 127 9.70 -26.30 22.01
N VAL A 128 10.70 -26.13 21.17
CA VAL A 128 10.50 -26.14 19.73
C VAL A 128 11.13 -27.40 19.18
N TYR A 129 10.31 -28.27 18.61
CA TYR A 129 10.78 -29.54 18.09
C TYR A 129 10.75 -29.53 16.56
N PRO A 130 11.79 -30.11 15.92
CA PRO A 130 11.81 -30.16 14.47
C PRO A 130 10.85 -31.20 13.90
N LEU A 131 10.38 -30.97 12.69
CA LEU A 131 9.55 -31.94 11.98
C LEU A 131 10.11 -32.17 10.57
N ALA A 132 10.75 -33.33 10.39
CA ALA A 132 11.32 -33.72 9.12
C ALA A 132 10.68 -35.01 8.62
N PRO A 133 10.68 -35.24 7.29
CA PRO A 133 10.08 -36.44 6.71
C PRO A 133 10.68 -37.73 7.27
N GLY A 134 9.88 -38.79 7.28
CA GLY A 134 10.31 -40.11 7.77
C GLY A 134 11.28 -40.81 6.84
N THR A 139 11.81 -38.33 -4.43
CA THR A 139 11.60 -36.94 -4.83
C THR A 139 10.17 -36.73 -5.32
N ASN A 140 9.43 -35.89 -4.60
CA ASN A 140 8.14 -35.38 -5.03
C ASN A 140 8.32 -34.03 -5.73
N SER A 141 9.49 -33.42 -5.54
CA SER A 141 9.85 -32.08 -6.03
C SER A 141 9.30 -30.97 -5.14
N MET A 142 8.37 -31.32 -4.25
CA MET A 142 7.87 -30.43 -3.19
C MET A 142 7.89 -31.15 -1.85
N VAL A 143 8.57 -30.56 -0.87
CA VAL A 143 8.71 -31.16 0.46
C VAL A 143 8.16 -30.26 1.56
N THR A 144 7.38 -30.85 2.46
CA THR A 144 6.79 -30.10 3.57
C THR A 144 7.52 -30.38 4.88
N LEU A 145 8.10 -29.33 5.46
CA LEU A 145 8.80 -29.39 6.73
C LEU A 145 8.02 -28.60 7.76
N GLY A 146 8.35 -28.79 9.04
CA GLY A 146 7.64 -28.10 10.11
C GLY A 146 8.35 -27.91 11.43
N CYS A 147 7.72 -27.11 12.30
CA CYS A 147 8.14 -26.93 13.68
C CYS A 147 6.98 -27.14 14.63
N LEU A 148 7.21 -27.92 15.68
CA LEU A 148 6.23 -28.03 16.76
C LEU A 148 6.66 -27.12 17.91
N VAL A 149 5.78 -26.20 18.26
CA VAL A 149 5.98 -25.28 19.36
C VAL A 149 5.10 -25.70 20.54
N LYS A 150 5.69 -26.29 21.56
CA LYS A 150 4.90 -26.94 22.61
C LYS A 150 5.26 -26.49 24.02
N GLY A 151 4.23 -26.21 24.80
CA GLY A 151 4.34 -26.07 26.24
C GLY A 151 4.75 -24.69 26.70
N TYR A 152 4.25 -23.67 26.02
CA TYR A 152 4.55 -22.28 26.36
C TYR A 152 3.34 -21.59 26.97
N PHE A 153 3.59 -20.49 27.68
CA PHE A 153 2.52 -19.66 28.24
C PHE A 153 3.11 -18.29 28.61
N PRO A 154 2.37 -17.21 28.33
CA PRO A 154 1.07 -17.14 27.65
C PRO A 154 1.20 -16.90 26.16
N GLU A 155 0.07 -16.58 25.52
CA GLU A 155 0.08 -16.14 24.12
C GLU A 155 0.68 -14.73 24.06
N PRO A 156 1.19 -14.34 22.87
CA PRO A 156 1.26 -15.18 21.69
C PRO A 156 2.66 -15.72 21.44
N VAL A 157 2.79 -16.48 20.36
CA VAL A 157 4.06 -16.92 19.84
C VAL A 157 4.05 -16.65 18.34
N THR A 158 5.05 -15.90 17.88
CA THR A 158 5.21 -15.64 16.46
C THR A 158 6.18 -16.64 15.85
N VAL A 159 5.83 -17.18 14.68
CA VAL A 159 6.71 -18.11 13.94
C VAL A 159 7.04 -17.56 12.55
N THR A 160 8.33 -17.63 12.22
CA THR A 160 8.89 -17.07 11.01
C THR A 160 9.98 -18.00 10.46
N TRP A 161 10.01 -18.18 9.15
CA TRP A 161 10.97 -19.10 8.53
C TRP A 161 12.12 -18.39 7.86
N ASN A 162 13.33 -18.91 8.07
CA ASN A 162 14.58 -18.27 7.64
C ASN A 162 14.57 -16.75 7.76
N SER A 163 14.34 -16.29 8.98
CA SER A 163 14.33 -14.86 9.34
C SER A 163 13.41 -14.03 8.45
N GLY A 164 12.41 -14.69 7.86
CA GLY A 164 11.41 -14.04 7.03
C GLY A 164 11.52 -14.32 5.53
N SER A 165 12.62 -14.96 5.12
CA SER A 165 12.90 -15.23 3.70
C SER A 165 11.79 -15.98 3.00
N LEU A 166 11.19 -16.94 3.71
CA LEU A 166 10.08 -17.72 3.17
C LEU A 166 8.76 -17.28 3.77
N SER A 167 7.92 -16.70 2.91
CA SER A 167 6.58 -16.27 3.31
C SER A 167 5.59 -17.24 2.68
N SER A 168 5.87 -17.61 1.43
CA SER A 168 5.03 -18.50 0.65
C SER A 168 5.14 -19.94 1.13
N GLY A 169 4.00 -20.62 1.17
CA GLY A 169 3.94 -22.01 1.62
C GLY A 169 4.08 -22.15 3.12
N VAL A 170 3.92 -21.04 3.84
CA VAL A 170 4.04 -21.02 5.30
C VAL A 170 2.67 -21.00 5.96
N HIS A 171 2.37 -22.02 6.76
CA HIS A 171 1.17 -22.04 7.58
C HIS A 171 1.50 -22.21 9.05
N THR A 172 1.10 -21.23 9.85
CA THR A 172 1.22 -21.30 11.29
C THR A 172 -0.19 -21.40 11.83
N PHE A 173 -0.43 -22.42 12.66
CA PHE A 173 -1.77 -22.69 13.19
C PHE A 173 -2.03 -22.02 14.54
N PRO A 174 -3.31 -21.65 14.79
CA PRO A 174 -3.73 -21.18 16.10
C PRO A 174 -3.34 -22.17 17.18
N ALA A 175 -2.95 -21.66 18.34
CA ALA A 175 -2.53 -22.51 19.43
C ALA A 175 -3.72 -23.25 20.04
N VAL A 176 -3.44 -24.42 20.59
CA VAL A 176 -4.43 -25.16 21.35
C VAL A 176 -3.93 -25.26 22.80
N LEU A 177 -4.75 -24.78 23.72
CA LEU A 177 -4.41 -24.78 25.14
C LEU A 177 -4.86 -26.07 25.84
N GLN A 178 -3.93 -26.71 26.54
CA GLN A 178 -4.26 -27.79 27.47
C GLN A 178 -3.43 -27.72 28.75
N SER A 179 -4.11 -27.88 29.89
CA SER A 179 -3.50 -27.87 31.23
C SER A 179 -2.50 -26.72 31.42
N ASP A 180 -3.00 -25.50 31.27
CA ASP A 180 -2.24 -24.24 31.43
C ASP A 180 -1.04 -24.06 30.45
N LEU A 181 -1.05 -24.81 29.34
CA LEU A 181 0.04 -24.74 28.35
C LEU A 181 -0.44 -24.77 26.90
N TYR A 182 0.13 -23.87 26.08
CA TYR A 182 -0.23 -23.76 24.66
C TYR A 182 0.69 -24.55 23.75
N THR A 183 0.11 -25.11 22.69
CA THR A 183 0.86 -25.78 21.64
C THR A 183 0.38 -25.35 20.26
N LEU A 184 1.31 -24.92 19.43
CA LEU A 184 1.01 -24.67 18.03
C LEU A 184 2.05 -25.35 17.17
N SER A 185 1.72 -25.52 15.89
CA SER A 185 2.68 -25.99 14.91
C SER A 185 2.74 -24.99 13.77
N SER A 186 3.82 -25.03 13.01
CA SER A 186 3.92 -24.28 11.77
C SER A 186 4.58 -25.16 10.72
N SER A 187 4.08 -25.06 9.49
CA SER A 187 4.62 -25.83 8.37
C SER A 187 5.09 -24.93 7.22
N VAL A 188 6.08 -25.40 6.49
CA VAL A 188 6.58 -24.70 5.30
C VAL A 188 6.89 -25.67 4.19
N THR A 189 6.49 -25.32 2.97
CA THR A 189 6.75 -26.17 1.80
C THR A 189 7.77 -25.51 0.87
N VAL A 190 8.76 -26.30 0.47
CA VAL A 190 9.83 -25.86 -0.43
C VAL A 190 10.10 -26.91 -1.52
N PRO A 191 10.63 -26.48 -2.68
CA PRO A 191 11.06 -27.45 -3.69
C PRO A 191 12.17 -28.37 -3.17
N SER A 192 12.08 -29.66 -3.52
CA SER A 192 12.98 -30.71 -3.00
C SER A 192 14.46 -30.48 -3.29
N SER A 193 14.77 -29.81 -4.40
CA SER A 193 16.15 -29.51 -4.75
C SER A 193 16.77 -28.46 -3.82
N THR A 194 15.96 -27.89 -2.93
CA THR A 194 16.43 -26.90 -1.95
C THR A 194 16.39 -27.43 -0.50
N TRP A 195 16.18 -28.73 -0.35
CA TRP A 195 16.27 -29.39 0.97
C TRP A 195 16.56 -30.89 0.86
N PRO A 196 17.59 -31.37 1.57
CA PRO A 196 18.43 -30.62 2.51
C PRO A 196 19.78 -30.21 1.89
N SER A 197 19.74 -29.72 0.65
CA SER A 197 20.91 -29.15 0.02
C SER A 197 21.14 -27.73 0.56
N GLU A 198 20.10 -27.16 1.16
CA GLU A 198 20.18 -25.85 1.80
C GLU A 198 19.45 -25.81 3.14
N THR A 199 19.82 -24.84 3.97
CA THR A 199 19.34 -24.74 5.34
C THR A 199 17.94 -24.14 5.46
N VAL A 200 17.07 -24.88 6.14
CA VAL A 200 15.73 -24.43 6.48
C VAL A 200 15.60 -24.39 8.01
N THR A 201 15.20 -23.24 8.53
CA THR A 201 15.18 -22.99 9.96
C THR A 201 13.96 -22.16 10.34
N CYS A 202 13.22 -22.60 11.35
CA CYS A 202 12.07 -21.86 11.89
C CYS A 202 12.47 -20.99 13.09
N ASN A 203 11.91 -19.79 13.15
CA ASN A 203 12.21 -18.83 14.21
C ASN A 203 10.97 -18.52 15.01
N VAL A 204 10.98 -19.01 16.25
CA VAL A 204 9.89 -18.85 17.19
C VAL A 204 10.25 -17.76 18.20
N ALA A 205 9.37 -16.77 18.34
CA ALA A 205 9.51 -15.74 19.37
C ALA A 205 8.42 -15.91 20.42
N HIS A 206 8.80 -15.70 21.68
CA HIS A 206 7.83 -15.70 22.78
C HIS A 206 8.07 -14.46 23.64
N PRO A 207 7.51 -13.31 23.22
CA PRO A 207 7.72 -12.00 23.85
C PRO A 207 7.49 -11.99 25.36
N ALA A 208 6.53 -12.77 25.84
CA ALA A 208 6.21 -12.82 27.26
C ALA A 208 7.34 -13.40 28.11
N SER A 209 8.09 -14.35 27.55
CA SER A 209 9.29 -14.88 28.23
C SER A 209 10.58 -14.29 27.68
N SER A 210 10.45 -13.36 26.73
CA SER A 210 11.60 -12.73 26.04
C SER A 210 12.52 -13.76 25.43
N THR A 211 11.94 -14.76 24.76
CA THR A 211 12.69 -15.89 24.26
C THR A 211 12.53 -16.07 22.76
N LYS A 212 13.67 -16.22 22.08
CA LYS A 212 13.69 -16.59 20.66
C LYS A 212 14.40 -17.94 20.51
N VAL A 213 13.71 -18.89 19.88
CA VAL A 213 14.34 -20.17 19.51
C VAL A 213 14.39 -20.32 17.98
N ASP A 214 15.56 -20.71 17.47
CA ASP A 214 15.77 -20.97 16.04
C ASP A 214 16.19 -22.43 15.81
N LYS A 215 15.29 -23.24 15.28
CA LYS A 215 15.59 -24.67 15.08
C LYS A 215 15.86 -25.01 13.62
N LYS A 216 16.99 -25.65 13.35
CA LYS A 216 17.31 -26.10 11.99
C LYS A 216 16.76 -27.50 11.73
N ILE A 217 16.10 -27.68 10.59
CA ILE A 217 15.46 -28.95 10.25
C ILE A 217 16.42 -29.84 9.46
N VAL A 218 16.84 -30.94 10.08
CA VAL A 218 17.76 -31.90 9.45
C VAL A 218 17.13 -33.30 9.31
N PRO A 219 17.39 -33.98 8.18
CA PRO A 219 16.80 -35.30 7.92
C PRO A 219 17.10 -36.35 8.98
N ARG A 220 16.29 -37.41 9.01
CA ARG A 220 16.48 -38.51 9.94
C ARG A 220 17.51 -39.50 9.38
N ASP A 221 18.26 -40.12 10.29
CA ASP A 221 19.33 -41.05 9.92
C ASP A 221 18.88 -42.51 9.96
N ASP B 1 -27.40 3.44 24.32
CA ASP B 1 -26.41 2.94 23.34
C ASP B 1 -27.00 2.80 21.95
N VAL B 2 -26.26 3.26 20.94
CA VAL B 2 -26.67 3.11 19.56
C VAL B 2 -26.25 1.71 19.08
N VAL B 3 -27.21 0.79 18.97
CA VAL B 3 -26.88 -0.57 18.53
C VAL B 3 -26.58 -0.60 17.03
N MET B 4 -25.45 -1.21 16.66
CA MET B 4 -25.09 -1.36 15.26
C MET B 4 -25.27 -2.82 14.84
N THR B 5 -26.20 -3.03 13.93
CA THR B 5 -26.53 -4.39 13.47
C THR B 5 -26.12 -4.58 12.01
N GLN B 6 -25.14 -5.45 11.80
CA GLN B 6 -24.61 -5.73 10.48
C GLN B 6 -25.16 -7.01 9.86
N THR B 7 -25.54 -6.92 8.59
CA THR B 7 -25.99 -8.08 7.84
C THR B 7 -25.21 -8.19 6.53
N PRO B 8 -24.71 -9.40 6.22
CA PRO B 8 -24.81 -10.57 7.08
C PRO B 8 -23.62 -10.67 8.03
N LEU B 9 -23.54 -11.77 8.78
CA LEU B 9 -22.41 -12.01 9.66
C LEU B 9 -21.32 -12.76 8.89
N SER B 10 -21.73 -13.40 7.80
CA SER B 10 -20.82 -14.10 6.90
C SER B 10 -21.10 -13.73 5.44
N LEU B 11 -20.04 -13.44 4.69
CA LEU B 11 -20.17 -13.08 3.29
C LEU B 11 -19.30 -13.97 2.41
N PRO B 12 -19.90 -15.02 1.82
CA PRO B 12 -19.16 -15.77 0.82
C PRO B 12 -19.28 -15.13 -0.56
N VAL B 13 -18.18 -14.56 -1.05
CA VAL B 13 -18.14 -13.97 -2.38
C VAL B 13 -17.08 -14.61 -3.26
N SER B 14 -17.44 -14.86 -4.51
CA SER B 14 -16.50 -15.39 -5.49
C SER B 14 -15.48 -14.32 -5.86
N LEU B 15 -14.34 -14.75 -6.39
CA LEU B 15 -13.27 -13.82 -6.78
C LEU B 15 -13.70 -12.96 -7.97
N GLY B 16 -13.63 -11.64 -7.80
CA GLY B 16 -13.99 -10.69 -8.86
C GLY B 16 -15.41 -10.15 -8.78
N ASP B 17 -16.25 -10.78 -7.95
CA ASP B 17 -17.64 -10.36 -7.79
C ASP B 17 -17.79 -9.24 -6.75
N GLN B 18 -18.87 -8.48 -6.88
CA GLN B 18 -19.17 -7.42 -5.92
C GLN B 18 -19.62 -8.01 -4.58
N ALA B 19 -19.23 -7.34 -3.49
CA ALA B 19 -19.63 -7.76 -2.14
C ALA B 19 -20.14 -6.55 -1.36
N SER B 20 -21.38 -6.62 -0.89
CA SER B 20 -21.96 -5.49 -0.14
C SER B 20 -22.37 -5.87 1.28
N ILE B 21 -22.07 -4.97 2.21
CA ILE B 21 -22.33 -5.18 3.64
C ILE B 21 -23.29 -4.11 4.16
N SER B 22 -24.37 -4.54 4.80
CA SER B 22 -25.38 -3.62 5.31
C SER B 22 -25.24 -3.35 6.81
N CYS B 23 -25.26 -2.07 7.18
CA CYS B 23 -25.21 -1.67 8.58
C CYS B 23 -26.44 -0.80 8.92
N ARG B 24 -27.28 -1.33 9.81
CA ARG B 24 -28.44 -0.59 10.32
C ARG B 24 -28.17 -0.12 11.75
N SER B 25 -28.93 0.88 12.21
CA SER B 25 -28.62 1.52 13.49
C SER B 25 -29.82 1.99 14.30
N SER B 26 -29.71 1.82 15.61
CA SER B 26 -30.78 2.14 16.58
C SER B 26 -31.29 3.59 16.49
N GLN B 27 -30.36 4.54 16.42
CA GLN B 27 -30.69 5.97 16.36
C GLN B 27 -30.07 6.59 15.12
N THR B 28 -30.16 7.92 15.01
CA THR B 28 -29.56 8.66 13.91
C THR B 28 -28.10 8.99 14.21
N ILE B 29 -27.23 8.64 13.29
CA ILE B 29 -25.79 8.92 13.45
C ILE B 29 -25.48 10.34 12.99
N VAL B 30 -26.48 11.02 12.43
CA VAL B 30 -26.38 12.44 12.12
C VAL B 30 -26.24 13.21 13.45
N HIS B 31 -25.03 13.72 13.68
CA HIS B 31 -24.68 14.44 14.91
C HIS B 31 -25.39 15.79 15.00
N SER B 32 -25.41 16.35 16.22
CA SER B 32 -25.99 17.68 16.47
C SER B 32 -25.45 18.76 15.52
N ASN B 33 -24.15 18.70 15.24
CA ASN B 33 -23.48 19.70 14.40
C ASN B 33 -23.68 19.51 12.89
N GLY B 34 -24.29 18.40 12.50
CA GLY B 34 -24.65 18.15 11.11
C GLY B 34 -23.86 17.07 10.39
N TYR B 35 -22.70 16.70 10.94
CA TYR B 35 -21.87 15.67 10.33
C TYR B 35 -22.33 14.26 10.75
N THR B 36 -21.91 13.25 9.98
CA THR B 36 -22.31 11.87 10.23
C THR B 36 -21.06 10.98 10.43
N TYR B 37 -20.67 10.81 11.70
CA TYR B 37 -19.46 10.06 12.02
C TYR B 37 -19.70 8.55 11.97
N LEU B 38 -19.95 8.06 10.76
CA LEU B 38 -20.11 6.63 10.51
C LEU B 38 -18.92 6.12 9.72
N ASP B 39 -18.18 5.18 10.30
CA ASP B 39 -16.95 4.67 9.71
C ASP B 39 -17.02 3.17 9.42
N TRP B 40 -16.24 2.73 8.44
CA TRP B 40 -16.01 1.31 8.19
C TRP B 40 -14.54 0.94 8.46
N TYR B 41 -14.33 -0.14 9.21
CA TYR B 41 -12.98 -0.65 9.50
C TYR B 41 -12.74 -2.06 8.92
N LEU B 42 -11.46 -2.44 8.78
CA LEU B 42 -11.10 -3.78 8.34
C LEU B 42 -10.06 -4.41 9.22
N GLN B 43 -10.39 -5.58 9.77
CA GLN B 43 -9.44 -6.32 10.58
C GLN B 43 -9.08 -7.65 9.92
N LYS B 44 -7.88 -7.70 9.33
CA LYS B 44 -7.38 -8.92 8.73
C LYS B 44 -6.81 -9.82 9.83
N PRO B 45 -6.93 -11.15 9.66
CA PRO B 45 -6.47 -12.06 10.72
C PRO B 45 -5.05 -11.74 11.18
N GLY B 46 -4.87 -11.55 12.47
CA GLY B 46 -3.54 -11.28 13.06
C GLY B 46 -3.05 -9.85 12.96
N GLN B 47 -3.91 -8.94 12.48
CA GLN B 47 -3.56 -7.55 12.31
C GLN B 47 -4.44 -6.65 13.19
N SER B 48 -4.09 -5.37 13.27
CA SER B 48 -4.95 -4.37 13.89
C SER B 48 -6.10 -4.03 12.95
N PRO B 49 -7.21 -3.47 13.48
CA PRO B 49 -8.22 -2.92 12.59
C PRO B 49 -7.67 -1.70 11.86
N LYS B 50 -8.03 -1.56 10.59
CA LYS B 50 -7.57 -0.46 9.76
C LYS B 50 -8.74 0.34 9.21
N LEU B 51 -8.58 1.66 9.16
CA LEU B 51 -9.62 2.54 8.64
C LEU B 51 -9.73 2.40 7.13
N LEU B 52 -10.95 2.15 6.66
CA LEU B 52 -11.23 2.10 5.23
C LEU B 52 -12.04 3.32 4.79
N ILE B 53 -13.20 3.52 5.42
CA ILE B 53 -14.15 4.58 5.07
C ILE B 53 -14.44 5.45 6.29
N TYR B 54 -14.42 6.77 6.11
CA TYR B 54 -14.87 7.67 7.15
C TYR B 54 -15.98 8.60 6.68
N LYS B 55 -16.76 9.11 7.62
CA LYS B 55 -17.90 9.99 7.32
C LYS B 55 -18.76 9.44 6.19
N VAL B 56 -19.21 8.20 6.36
CA VAL B 56 -20.14 7.53 5.41
C VAL B 56 -19.51 7.15 4.07
N SER B 57 -18.98 8.15 3.35
CA SER B 57 -18.55 7.96 1.96
C SER B 57 -17.06 8.20 1.65
N ASN B 58 -16.38 9.00 2.49
CA ASN B 58 -14.97 9.34 2.28
C ASN B 58 -14.04 8.18 2.59
N ARG B 59 -13.23 7.78 1.61
CA ARG B 59 -12.26 6.71 1.87
C ARG B 59 -10.89 7.23 2.30
N PHE B 60 -10.37 6.61 3.35
CA PHE B 60 -9.05 6.92 3.93
C PHE B 60 -7.95 6.71 2.91
N SER B 61 -7.00 7.65 2.86
CA SER B 61 -5.91 7.63 1.88
C SER B 61 -5.17 6.29 1.88
N GLY B 62 -4.86 5.80 0.68
CA GLY B 62 -4.23 4.50 0.51
C GLY B 62 -5.22 3.36 0.34
N VAL B 63 -6.49 3.61 0.63
CA VAL B 63 -7.55 2.63 0.35
C VAL B 63 -7.97 2.75 -1.11
N PRO B 64 -7.90 1.63 -1.86
CA PRO B 64 -8.28 1.61 -3.28
C PRO B 64 -9.75 1.96 -3.51
N ASP B 65 -10.04 2.58 -4.64
CA ASP B 65 -11.40 3.03 -5.00
C ASP B 65 -12.42 1.88 -5.10
N ARG B 66 -11.93 0.64 -5.07
CA ARG B 66 -12.78 -0.55 -5.00
C ARG B 66 -13.71 -0.53 -3.79
N PHE B 67 -13.33 0.23 -2.77
CA PHE B 67 -14.14 0.39 -1.57
C PHE B 67 -14.88 1.72 -1.60
N SER B 68 -16.19 1.65 -1.39
CA SER B 68 -17.03 2.84 -1.34
C SER B 68 -18.17 2.63 -0.36
N GLY B 69 -18.50 3.71 0.34
CA GLY B 69 -19.53 3.68 1.38
C GLY B 69 -20.62 4.68 1.09
N SER B 70 -21.85 4.30 1.45
CA SER B 70 -23.00 5.16 1.22
C SER B 70 -24.08 4.92 2.29
N GLY B 71 -25.22 5.59 2.13
CA GLY B 71 -26.30 5.53 3.11
C GLY B 71 -26.50 6.83 3.86
N SER B 72 -27.48 6.83 4.78
CA SER B 72 -27.83 8.03 5.53
C SER B 72 -28.46 7.69 6.87
N GLY B 73 -28.27 8.59 7.84
CA GLY B 73 -28.96 8.54 9.15
C GLY B 73 -28.95 7.20 9.84
N THR B 74 -29.88 6.34 9.45
CA THR B 74 -30.09 5.04 10.10
C THR B 74 -29.49 3.86 9.33
N ASP B 75 -29.51 3.97 8.00
CA ASP B 75 -29.08 2.87 7.12
C ASP B 75 -27.80 3.22 6.36
N PHE B 76 -26.88 2.26 6.29
CA PHE B 76 -25.60 2.43 5.60
C PHE B 76 -25.15 1.16 4.90
N THR B 77 -24.32 1.32 3.86
CA THR B 77 -23.81 0.20 3.08
C THR B 77 -22.34 0.43 2.70
N LEU B 78 -21.58 -0.66 2.63
CA LEU B 78 -20.23 -0.65 2.08
C LEU B 78 -20.14 -1.66 0.96
N LYS B 79 -19.72 -1.20 -0.22
CA LYS B 79 -19.59 -2.07 -1.37
C LYS B 79 -18.13 -2.26 -1.73
N ILE B 80 -17.74 -3.51 -1.91
CA ILE B 80 -16.44 -3.84 -2.50
C ILE B 80 -16.66 -4.47 -3.86
N SER B 81 -16.34 -3.73 -4.92
CA SER B 81 -16.44 -4.24 -6.27
C SER B 81 -15.13 -4.94 -6.64
N ARG B 82 -15.20 -5.92 -7.53
CA ARG B 82 -13.98 -6.60 -8.00
C ARG B 82 -13.07 -7.10 -6.88
N VAL B 83 -13.63 -7.91 -5.99
CA VAL B 83 -12.93 -8.46 -4.85
C VAL B 83 -11.69 -9.29 -5.18
N GLU B 84 -10.62 -9.05 -4.41
CA GLU B 84 -9.35 -9.75 -4.50
C GLU B 84 -9.19 -10.66 -3.31
N ALA B 85 -8.24 -11.59 -3.39
CA ALA B 85 -8.04 -12.57 -2.33
C ALA B 85 -7.56 -11.97 -1.00
N GLU B 86 -6.81 -10.87 -1.06
CA GLU B 86 -6.23 -10.26 0.15
C GLU B 86 -7.24 -9.39 0.89
N ASP B 87 -8.46 -9.34 0.38
CA ASP B 87 -9.54 -8.55 0.95
C ASP B 87 -10.21 -9.21 2.14
N LEU B 88 -9.98 -10.49 2.31
CA LEU B 88 -10.65 -11.27 3.36
C LEU B 88 -10.23 -10.84 4.77
N GLY B 89 -11.20 -10.90 5.69
CA GLY B 89 -11.04 -10.43 7.06
C GLY B 89 -12.40 -10.03 7.61
N VAL B 90 -12.41 -9.23 8.67
CA VAL B 90 -13.68 -8.83 9.29
C VAL B 90 -13.95 -7.33 9.09
N TYR B 91 -15.16 -7.03 8.64
CA TYR B 91 -15.55 -5.66 8.38
C TYR B 91 -16.48 -5.14 9.46
N TYR B 92 -16.13 -3.99 10.04
CA TYR B 92 -16.93 -3.38 11.11
C TYR B 92 -17.45 -2.00 10.70
N CYS B 93 -18.75 -1.77 10.90
CA CYS B 93 -19.26 -0.40 10.86
C CYS B 93 -19.17 0.15 12.28
N PHE B 94 -19.00 1.47 12.38
CA PHE B 94 -18.72 2.08 13.66
C PHE B 94 -19.34 3.47 13.72
N GLN B 95 -19.97 3.75 14.85
CA GLN B 95 -20.57 5.07 15.09
C GLN B 95 -19.78 5.88 16.11
N GLY B 96 -19.47 7.13 15.76
CA GLY B 96 -18.82 8.05 16.68
C GLY B 96 -19.62 9.30 16.94
N SER B 97 -20.94 9.18 17.01
CA SER B 97 -21.80 10.34 17.12
C SER B 97 -22.36 10.56 18.52
N HIS B 98 -22.64 9.46 19.21
CA HIS B 98 -23.28 9.48 20.52
C HIS B 98 -22.52 8.57 21.48
N VAL B 99 -22.06 9.16 22.58
CA VAL B 99 -21.33 8.45 23.63
C VAL B 99 -22.26 7.45 24.34
N PRO B 100 -21.86 6.17 24.42
CA PRO B 100 -20.60 5.58 23.94
C PRO B 100 -20.57 5.27 22.44
N PHE B 101 -19.38 5.38 21.85
CA PHE B 101 -19.18 5.01 20.46
C PHE B 101 -19.29 3.48 20.34
N THR B 102 -19.94 3.01 19.29
CA THR B 102 -20.23 1.58 19.17
C THR B 102 -19.87 1.00 17.79
N PHE B 103 -19.36 -0.22 17.81
CA PHE B 103 -19.08 -0.97 16.60
C PHE B 103 -20.27 -1.84 16.32
N GLY B 104 -20.43 -2.22 15.06
CA GLY B 104 -21.35 -3.29 14.73
C GLY B 104 -20.67 -4.59 15.11
N SER B 105 -21.41 -5.69 15.04
CA SER B 105 -20.79 -7.00 15.16
C SER B 105 -20.06 -7.26 13.85
N GLY B 106 -19.21 -8.28 13.80
CA GLY B 106 -18.44 -8.53 12.59
C GLY B 106 -19.22 -8.99 11.37
N THR B 107 -18.72 -8.60 10.19
CA THR B 107 -19.12 -9.21 8.93
C THR B 107 -17.89 -9.93 8.37
N LYS B 108 -17.88 -11.25 8.47
CA LYS B 108 -16.73 -12.03 8.01
C LYS B 108 -16.83 -12.25 6.51
N LEU B 109 -15.82 -11.82 5.78
CA LEU B 109 -15.77 -12.01 4.34
C LEU B 109 -14.92 -13.22 4.00
N GLU B 110 -15.58 -14.28 3.53
CA GLU B 110 -14.88 -15.45 3.02
C GLU B 110 -15.01 -15.49 1.50
N ILE B 111 -14.01 -16.05 0.83
CA ILE B 111 -14.06 -16.14 -0.62
C ILE B 111 -14.31 -17.57 -1.12
N LYS B 112 -14.95 -17.67 -2.28
CA LYS B 112 -15.21 -18.97 -2.90
C LYS B 112 -14.22 -19.25 -4.04
N ARG B 113 -13.71 -20.49 -4.07
CA ARG B 113 -12.74 -20.90 -5.08
C ARG B 113 -13.02 -22.35 -5.54
N ALA B 114 -12.18 -22.85 -6.45
CA ALA B 114 -12.29 -24.23 -6.92
C ALA B 114 -11.95 -25.23 -5.81
N ASP B 115 -12.42 -26.46 -5.97
CA ASP B 115 -12.12 -27.55 -5.03
C ASP B 115 -10.63 -27.89 -5.04
N ALA B 116 -10.07 -28.16 -3.85
CA ALA B 116 -8.67 -28.53 -3.73
C ALA B 116 -8.45 -29.64 -2.71
N ALA B 117 -7.69 -30.67 -3.10
CA ALA B 117 -7.34 -31.76 -2.21
C ALA B 117 -6.27 -31.33 -1.20
N PRO B 118 -6.31 -31.91 0.02
CA PRO B 118 -5.26 -31.62 1.01
C PRO B 118 -3.94 -32.39 0.76
N THR B 119 -2.82 -31.70 0.97
CA THR B 119 -1.52 -32.33 0.95
C THR B 119 -1.25 -32.82 2.37
N VAL B 120 -1.27 -34.13 2.54
CA VAL B 120 -1.14 -34.73 3.87
C VAL B 120 0.30 -35.15 4.15
N SER B 121 0.80 -34.76 5.32
CA SER B 121 2.15 -35.09 5.73
C SER B 121 2.15 -35.58 7.18
N ILE B 122 2.82 -36.71 7.43
CA ILE B 122 2.96 -37.24 8.78
C ILE B 122 4.42 -37.15 9.30
N PHE B 123 4.57 -36.84 10.58
CA PHE B 123 5.90 -36.68 11.20
C PHE B 123 6.02 -37.43 12.50
N PRO B 124 7.04 -38.31 12.62
CA PRO B 124 7.29 -38.94 13.92
C PRO B 124 7.80 -37.91 14.93
N PRO B 125 7.72 -38.22 16.23
CA PRO B 125 8.32 -37.35 17.22
C PRO B 125 9.84 -37.24 17.05
N SER B 126 10.37 -36.03 17.25
CA SER B 126 11.79 -35.79 17.12
C SER B 126 12.58 -36.43 18.26
N SER B 127 13.87 -36.67 18.02
CA SER B 127 14.79 -37.17 19.05
C SER B 127 14.78 -36.28 20.30
N GLU B 128 14.71 -34.97 20.07
CA GLU B 128 14.72 -33.97 21.13
C GLU B 128 13.56 -34.18 22.09
N GLN B 129 12.37 -34.43 21.52
CA GLN B 129 11.16 -34.60 22.33
C GLN B 129 11.16 -35.92 23.09
N LEU B 130 11.57 -36.99 22.41
CA LEU B 130 11.64 -38.31 23.02
C LEU B 130 12.49 -38.28 24.28
N THR B 131 13.60 -37.55 24.21
CA THR B 131 14.50 -37.36 25.34
C THR B 131 13.81 -36.72 26.55
N SER B 132 12.86 -35.83 26.31
CA SER B 132 12.12 -35.17 27.39
C SER B 132 11.14 -36.12 28.07
N GLY B 133 10.72 -37.16 27.34
CA GLY B 133 9.80 -38.15 27.89
C GLY B 133 8.41 -38.05 27.30
N GLY B 134 8.25 -37.15 26.33
CA GLY B 134 7.01 -36.99 25.58
C GLY B 134 7.19 -37.43 24.13
N ALA B 135 6.08 -37.69 23.45
CA ALA B 135 6.10 -38.16 22.06
C ALA B 135 4.88 -37.69 21.29
N SER B 136 5.01 -36.54 20.63
CA SER B 136 3.95 -36.01 19.79
C SER B 136 4.09 -36.52 18.37
N VAL B 137 2.97 -36.92 17.79
CA VAL B 137 2.92 -37.25 16.36
C VAL B 137 2.05 -36.21 15.67
N VAL B 138 2.64 -35.46 14.76
CA VAL B 138 1.94 -34.37 14.10
C VAL B 138 1.63 -34.69 12.65
N CYS B 139 0.42 -34.36 12.24
CA CYS B 139 -0.03 -34.54 10.87
C CYS B 139 -0.56 -33.23 10.31
N PHE B 140 -0.09 -32.89 9.11
CA PHE B 140 -0.54 -31.68 8.43
C PHE B 140 -1.49 -31.99 7.30
N LEU B 141 -2.56 -31.20 7.22
CA LEU B 141 -3.52 -31.27 6.12
C LEU B 141 -3.58 -29.89 5.46
N ASN B 142 -2.85 -29.73 4.37
CA ASN B 142 -2.59 -28.41 3.80
C ASN B 142 -3.28 -28.05 2.50
N ASN B 143 -3.63 -26.76 2.38
CA ASN B 143 -4.15 -26.15 1.16
C ASN B 143 -5.32 -26.87 0.50
N PHE B 144 -6.44 -26.93 1.22
CA PHE B 144 -7.64 -27.58 0.72
C PHE B 144 -8.84 -26.63 0.74
N TYR B 145 -9.79 -26.88 -0.17
CA TYR B 145 -11.07 -26.17 -0.19
C TYR B 145 -12.20 -27.16 -0.43
N PRO B 146 -13.32 -27.04 0.32
CA PRO B 146 -13.62 -26.02 1.33
C PRO B 146 -13.35 -26.43 2.78
N LYS B 147 -13.86 -25.64 3.72
CA LYS B 147 -13.62 -25.79 5.16
C LYS B 147 -13.62 -27.22 5.69
N ASP B 148 -14.64 -28.00 5.32
CA ASP B 148 -14.90 -29.28 5.96
C ASP B 148 -13.79 -30.29 5.76
N ILE B 149 -13.41 -30.93 6.86
CA ILE B 149 -12.41 -31.99 6.85
C ILE B 149 -12.47 -32.77 8.17
N ASN B 150 -12.09 -34.04 8.13
CA ASN B 150 -11.88 -34.81 9.35
C ASN B 150 -10.59 -35.67 9.33
N VAL B 151 -10.10 -36.00 10.52
CA VAL B 151 -8.91 -36.81 10.66
C VAL B 151 -9.19 -38.00 11.56
N LYS B 152 -8.71 -39.17 11.13
CA LYS B 152 -8.79 -40.36 11.94
C LYS B 152 -7.37 -40.84 12.16
N TRP B 153 -7.00 -41.00 13.42
CA TRP B 153 -5.69 -41.55 13.76
C TRP B 153 -5.82 -43.03 13.98
N LYS B 154 -4.77 -43.76 13.62
CA LYS B 154 -4.68 -45.17 13.91
C LYS B 154 -3.32 -45.49 14.53
N ILE B 155 -3.36 -46.00 15.75
CA ILE B 155 -2.18 -46.62 16.35
C ILE B 155 -2.32 -48.12 16.16
N ASP B 156 -1.35 -48.72 15.46
CA ASP B 156 -1.40 -50.14 15.09
C ASP B 156 -2.68 -50.54 14.33
N GLY B 157 -3.11 -49.67 13.41
CA GLY B 157 -4.31 -49.93 12.59
C GLY B 157 -5.65 -49.81 13.32
N SER B 158 -5.60 -49.44 14.60
CA SER B 158 -6.80 -49.25 15.42
C SER B 158 -7.04 -47.77 15.73
N GLU B 159 -8.26 -47.31 15.51
CA GLU B 159 -8.61 -45.90 15.70
C GLU B 159 -8.32 -45.40 17.12
N ARG B 160 -7.54 -44.33 17.20
CA ARG B 160 -7.23 -43.66 18.46
C ARG B 160 -7.94 -42.31 18.52
N GLN B 161 -8.74 -42.11 19.58
CA GLN B 161 -9.54 -40.90 19.76
C GLN B 161 -9.03 -39.96 20.85
N ASN B 162 -8.77 -40.51 22.04
CA ASN B 162 -8.18 -39.75 23.15
C ASN B 162 -6.73 -39.36 22.88
N GLY B 163 -6.37 -38.12 23.25
CA GLY B 163 -5.00 -37.60 23.08
C GLY B 163 -4.72 -36.80 21.80
N VAL B 164 -5.78 -36.39 21.10
CA VAL B 164 -5.66 -35.70 19.81
C VAL B 164 -6.15 -34.25 19.90
N LEU B 165 -5.31 -33.32 19.44
CA LEU B 165 -5.65 -31.91 19.41
C LEU B 165 -5.53 -31.34 17.99
N ASN B 166 -6.55 -30.60 17.58
CA ASN B 166 -6.62 -30.06 16.23
C ASN B 166 -6.67 -28.54 16.18
N SER B 167 -6.20 -27.99 15.06
CA SER B 167 -6.17 -26.55 14.85
C SER B 167 -6.36 -26.22 13.37
N TRP B 168 -7.28 -25.31 13.08
CA TRP B 168 -7.61 -24.92 11.71
C TRP B 168 -7.16 -23.49 11.45
N THR B 169 -6.71 -23.23 10.22
CA THR B 169 -6.28 -21.89 9.83
C THR B 169 -7.49 -21.03 9.47
N ASP B 170 -7.28 -19.71 9.47
CA ASP B 170 -8.19 -18.80 8.78
C ASP B 170 -7.87 -18.93 7.30
N GLN B 171 -8.77 -18.44 6.46
CA GLN B 171 -8.58 -18.51 5.00
C GLN B 171 -7.27 -17.82 4.60
N ASP B 172 -6.51 -18.49 3.72
CA ASP B 172 -5.22 -17.97 3.24
C ASP B 172 -5.39 -16.76 2.33
N SER B 173 -4.54 -15.75 2.54
CA SER B 173 -4.66 -14.47 1.84
C SER B 173 -4.12 -14.48 0.40
N LYS B 174 -3.44 -15.56 0.03
CA LYS B 174 -2.88 -15.70 -1.32
C LYS B 174 -3.67 -16.66 -2.23
N ASP B 175 -3.71 -17.94 -1.87
CA ASP B 175 -4.38 -18.94 -2.71
C ASP B 175 -5.79 -19.32 -2.22
N SER B 176 -6.25 -18.65 -1.16
CA SER B 176 -7.64 -18.73 -0.69
C SER B 176 -8.08 -20.08 -0.12
N THR B 177 -7.12 -20.92 0.26
CA THR B 177 -7.42 -22.25 0.79
C THR B 177 -7.43 -22.29 2.32
N TYR B 178 -7.99 -23.36 2.87
CA TYR B 178 -7.98 -23.60 4.31
C TYR B 178 -6.90 -24.65 4.65
N SER B 179 -6.50 -24.70 5.91
CA SER B 179 -5.56 -25.73 6.37
C SER B 179 -5.82 -26.21 7.80
N MET B 180 -5.27 -27.37 8.14
CA MET B 180 -5.53 -28.02 9.41
C MET B 180 -4.30 -28.77 9.92
N SER B 181 -4.15 -28.85 11.23
CA SER B 181 -3.09 -29.68 11.82
C SER B 181 -3.60 -30.51 12.97
N SER B 182 -3.16 -31.76 13.04
CA SER B 182 -3.57 -32.66 14.09
C SER B 182 -2.37 -33.26 14.83
N THR B 183 -2.45 -33.27 16.14
CA THR B 183 -1.34 -33.77 16.97
C THR B 183 -1.76 -34.84 17.99
N LEU B 184 -1.29 -36.07 17.76
CA LEU B 184 -1.43 -37.14 18.73
C LEU B 184 -0.25 -37.10 19.69
N THR B 185 -0.53 -36.83 20.96
CA THR B 185 0.52 -36.69 21.98
C THR B 185 0.51 -37.88 22.94
N LEU B 186 1.65 -38.54 23.06
CA LEU B 186 1.79 -39.72 23.93
C LEU B 186 2.95 -39.56 24.89
N THR B 187 3.18 -40.59 25.70
CA THR B 187 4.42 -40.72 26.45
C THR B 187 5.40 -41.50 25.58
N LYS B 188 6.69 -41.32 25.79
CA LYS B 188 7.72 -42.15 25.17
C LYS B 188 7.40 -43.65 25.39
N ASP B 189 6.97 -44.01 26.60
CA ASP B 189 6.59 -45.38 26.92
C ASP B 189 5.38 -45.89 26.14
N GLU B 190 4.30 -45.11 26.13
CA GLU B 190 3.08 -45.43 25.38
C GLU B 190 3.38 -45.52 23.90
N TYR B 191 4.25 -44.61 23.42
CA TYR B 191 4.63 -44.54 22.02
C TYR B 191 5.48 -45.72 21.62
N GLU B 192 6.48 -46.04 22.45
CA GLU B 192 7.36 -47.19 22.23
C GLU B 192 6.63 -48.55 22.33
N ARG B 193 5.45 -48.53 22.92
CA ARG B 193 4.63 -49.73 23.12
C ARG B 193 4.03 -50.21 21.80
N HIS B 194 3.83 -49.28 20.86
CA HIS B 194 3.21 -49.59 19.58
C HIS B 194 4.19 -49.46 18.43
N ASN B 195 3.70 -49.62 17.19
CA ASN B 195 4.59 -49.65 16.02
C ASN B 195 4.17 -48.82 14.80
N SER B 196 2.94 -48.99 14.33
CA SER B 196 2.48 -48.19 13.18
C SER B 196 1.61 -47.03 13.64
N TYR B 197 1.78 -45.89 12.96
CA TYR B 197 1.02 -44.69 13.25
C TYR B 197 0.52 -44.10 11.94
N THR B 198 -0.79 -44.12 11.73
CA THR B 198 -1.36 -43.58 10.49
C THR B 198 -2.27 -42.38 10.74
N CYS B 199 -2.23 -41.47 9.78
CA CYS B 199 -3.05 -40.26 9.77
C CYS B 199 -3.90 -40.32 8.52
N GLU B 200 -5.21 -40.26 8.67
CA GLU B 200 -6.08 -40.27 7.48
C GLU B 200 -7.13 -39.18 7.41
N ALA B 201 -7.08 -38.45 6.29
CA ALA B 201 -7.99 -37.37 5.99
C ALA B 201 -9.07 -37.85 5.05
N THR B 202 -10.31 -37.53 5.37
CA THR B 202 -11.41 -37.62 4.43
C THR B 202 -11.79 -36.20 4.03
N HIS B 203 -11.90 -35.98 2.73
CA HIS B 203 -12.36 -34.72 2.19
C HIS B 203 -13.43 -35.02 1.15
N LYS B 204 -14.21 -34.01 0.77
CA LYS B 204 -15.28 -34.18 -0.21
C LYS B 204 -14.73 -34.42 -1.64
N THR B 205 -13.46 -34.05 -1.84
CA THR B 205 -12.81 -34.16 -3.15
C THR B 205 -12.38 -35.58 -3.56
N SER B 206 -12.37 -36.50 -2.58
CA SER B 206 -12.05 -37.90 -2.86
C SER B 206 -12.99 -38.88 -2.15
N THR B 207 -13.20 -40.04 -2.77
CA THR B 207 -13.93 -41.14 -2.15
C THR B 207 -13.05 -41.74 -1.05
N SER B 208 -11.84 -42.16 -1.43
CA SER B 208 -10.92 -42.80 -0.52
C SER B 208 -10.23 -41.78 0.37
N PRO B 209 -9.82 -42.19 1.58
CA PRO B 209 -9.07 -41.29 2.44
C PRO B 209 -7.59 -41.21 2.01
N ILE B 210 -6.97 -40.05 2.21
CA ILE B 210 -5.52 -39.95 2.02
C ILE B 210 -4.85 -40.50 3.27
N VAL B 211 -4.15 -41.62 3.10
CA VAL B 211 -3.52 -42.31 4.21
C VAL B 211 -2.01 -42.10 4.20
N LYS B 212 -1.48 -41.48 5.26
CA LYS B 212 -0.04 -41.34 5.43
C LYS B 212 0.41 -42.00 6.73
N SER B 213 1.39 -42.89 6.65
CA SER B 213 1.82 -43.67 7.81
C SER B 213 3.34 -43.83 7.92
N PHE B 214 3.79 -44.22 9.11
CA PHE B 214 5.17 -44.56 9.34
C PHE B 214 5.25 -45.62 10.43
N ASN B 215 6.29 -46.43 10.37
CA ASN B 215 6.57 -47.41 11.43
C ASN B 215 7.74 -46.93 12.28
N ARG B 216 7.58 -47.06 13.60
CA ARG B 216 8.53 -46.54 14.58
C ARG B 216 10.02 -46.86 14.34
N ASN B 217 10.32 -47.97 13.67
CA ASN B 217 11.71 -48.31 13.32
C ASN B 217 12.20 -47.69 11.99
N ALA C 1 -2.51 21.43 14.92
CA ALA C 1 -1.54 21.04 13.85
C ALA C 1 -1.39 22.13 12.78
N VAL C 2 -0.17 22.29 12.25
CA VAL C 2 0.13 23.29 11.21
C VAL C 2 -0.42 22.89 9.83
N GLN C 3 -1.00 23.85 9.11
CA GLN C 3 -1.63 23.58 7.82
C GLN C 3 -1.63 24.79 6.86
N LEU C 4 -1.49 24.52 5.57
CA LEU C 4 -1.72 25.54 4.51
C LEU C 4 -2.80 25.06 3.53
N GLU C 5 -3.93 25.75 3.51
CA GLU C 5 -5.02 25.43 2.59
C GLU C 5 -4.94 26.32 1.37
N GLU C 6 -4.56 25.73 0.24
CA GLU C 6 -4.51 26.49 -1.02
C GLU C 6 -5.84 26.43 -1.76
N SER C 7 -6.07 27.40 -2.64
CA SER C 7 -7.32 27.49 -3.39
C SER C 7 -7.38 26.46 -4.51
N GLY C 8 -8.57 26.29 -5.07
CA GLY C 8 -8.87 25.20 -6.01
C GLY C 8 -8.25 25.33 -7.38
N PRO C 9 -8.36 24.25 -8.19
CA PRO C 9 -7.81 24.23 -9.53
C PRO C 9 -8.28 25.42 -10.38
N GLU C 10 -7.37 25.90 -11.22
CA GLU C 10 -7.61 27.10 -11.99
C GLU C 10 -7.49 26.82 -13.49
N LEU C 11 -8.49 27.24 -14.23
CA LEU C 11 -8.54 27.02 -15.68
C LEU C 11 -8.96 28.31 -16.39
N VAL C 12 -8.02 28.87 -17.14
CA VAL C 12 -8.17 30.21 -17.70
C VAL C 12 -7.61 30.28 -19.11
N LYS C 13 -7.98 31.35 -19.83
CA LYS C 13 -7.51 31.57 -21.19
C LYS C 13 -6.21 32.37 -21.18
N PRO C 14 -5.39 32.26 -22.24
CA PRO C 14 -4.21 33.13 -22.34
C PRO C 14 -4.54 34.61 -22.17
N GLY C 15 -3.67 35.31 -21.43
CA GLY C 15 -3.84 36.72 -21.13
C GLY C 15 -4.49 36.94 -19.77
N ALA C 16 -4.90 35.83 -19.15
CA ALA C 16 -5.59 35.87 -17.87
C ALA C 16 -4.69 36.30 -16.72
N LEU C 17 -5.34 36.82 -15.69
CA LEU C 17 -4.70 37.13 -14.43
C LEU C 17 -5.30 36.23 -13.35
N VAL C 18 -4.45 35.44 -12.71
CA VAL C 18 -4.89 34.51 -11.67
C VAL C 18 -4.36 34.94 -10.31
N LYS C 19 -5.18 34.71 -9.27
CA LYS C 19 -4.79 34.98 -7.89
C LYS C 19 -4.98 33.72 -7.05
N ILE C 20 -3.88 33.08 -6.69
CA ILE C 20 -3.88 31.87 -5.85
C ILE C 20 -3.86 32.22 -4.35
N SER C 21 -4.71 31.53 -3.58
CA SER C 21 -4.80 31.71 -2.12
C SER C 21 -3.98 30.67 -1.37
N CYS C 22 -3.53 31.03 -0.18
CA CYS C 22 -2.82 30.11 0.70
C CYS C 22 -3.09 30.53 2.14
N LYS C 23 -4.01 29.84 2.80
CA LYS C 23 -4.47 30.22 4.14
C LYS C 23 -3.82 29.42 5.24
N ALA C 24 -3.12 30.10 6.14
CA ALA C 24 -2.40 29.46 7.23
C ALA C 24 -3.24 29.29 8.49
N SER C 25 -2.99 28.20 9.23
CA SER C 25 -3.58 27.96 10.54
C SER C 25 -2.66 27.04 11.32
N GLY C 26 -2.78 27.08 12.64
CA GLY C 26 -2.05 26.17 13.52
C GLY C 26 -0.75 26.75 14.08
N TYR C 27 -0.31 27.85 13.48
CA TYR C 27 0.88 28.57 13.95
C TYR C 27 0.62 30.08 13.87
N THR C 28 1.60 30.88 14.26
CA THR C 28 1.46 32.34 14.23
C THR C 28 1.85 32.87 12.84
N PHE C 29 0.83 33.15 12.03
CA PHE C 29 0.99 33.50 10.61
C PHE C 29 2.02 34.60 10.35
N THR C 30 2.07 35.55 11.27
CA THR C 30 2.86 36.76 11.12
C THR C 30 4.35 36.57 11.45
N THR C 31 4.73 35.33 11.78
CA THR C 31 6.04 35.00 12.34
C THR C 31 7.01 34.36 11.33
N TYR C 32 6.46 33.70 10.31
CA TYR C 32 7.25 32.90 9.36
C TYR C 32 7.03 33.33 7.91
N ASP C 33 8.07 33.18 7.09
CA ASP C 33 7.99 33.46 5.65
C ASP C 33 7.02 32.51 4.93
N ILE C 34 6.32 33.04 3.92
CA ILE C 34 5.59 32.20 2.98
C ILE C 34 6.41 32.08 1.70
N ASN C 35 6.65 30.85 1.26
CA ASN C 35 7.41 30.59 0.05
C ASN C 35 6.52 30.04 -1.05
N TRP C 36 6.76 30.47 -2.28
CA TRP C 36 5.98 30.03 -3.44
C TRP C 36 6.84 29.24 -4.41
N VAL C 37 6.31 28.09 -4.84
CA VAL C 37 7.04 27.15 -5.68
C VAL C 37 6.23 26.80 -6.92
N LYS C 38 6.93 26.62 -8.05
CA LYS C 38 6.32 26.27 -9.34
C LYS C 38 6.78 24.88 -9.79
N GLN C 39 5.87 24.09 -10.35
CA GLN C 39 6.19 22.76 -10.86
C GLN C 39 5.45 22.46 -12.17
N ARG C 40 6.14 22.62 -13.30
CA ARG C 40 5.56 22.31 -14.61
C ARG C 40 5.34 20.80 -14.75
N PRO C 41 4.25 20.39 -15.43
CA PRO C 41 3.77 19.00 -15.48
C PRO C 41 4.87 17.93 -15.44
N GLY C 42 5.82 17.99 -16.38
CA GLY C 42 6.90 17.01 -16.43
C GLY C 42 8.06 17.26 -15.47
N GLN C 43 8.34 18.53 -15.18
CA GLN C 43 9.62 18.89 -14.54
C GLN C 43 9.68 18.86 -13.00
N GLY C 44 10.77 19.39 -12.46
CA GLY C 44 10.99 19.45 -11.02
C GLY C 44 10.48 20.73 -10.40
N LEU C 45 11.12 21.14 -9.31
CA LEU C 45 10.67 22.30 -8.55
C LEU C 45 11.51 23.55 -8.84
N GLU C 46 10.89 24.71 -8.61
CA GLU C 46 11.52 25.98 -8.88
C GLU C 46 10.99 27.06 -7.94
N TRP C 47 11.90 27.86 -7.39
CA TRP C 47 11.53 28.85 -6.38
C TRP C 47 11.16 30.18 -7.03
N ILE C 48 10.01 30.70 -6.61
CA ILE C 48 9.48 31.94 -7.15
C ILE C 48 9.80 33.12 -6.23
N GLY C 49 9.45 32.99 -4.94
CA GLY C 49 9.67 34.04 -3.98
C GLY C 49 9.21 33.71 -2.57
N TRP C 50 9.40 34.67 -1.67
CA TRP C 50 8.85 34.63 -0.33
C TRP C 50 8.34 35.98 0.14
N ILE C 51 7.39 35.95 1.06
CA ILE C 51 6.84 37.15 1.67
C ILE C 51 6.84 36.93 3.17
N TYR C 52 7.10 37.99 3.93
CA TYR C 52 7.07 37.95 5.39
C TYR C 52 5.84 38.70 5.90
N PRO C 53 4.81 37.95 6.32
CA PRO C 53 3.49 38.45 6.72
C PRO C 53 3.48 39.53 7.80
N GLY C 54 4.51 39.56 8.65
CA GLY C 54 4.59 40.58 9.70
C GLY C 54 4.98 41.94 9.14
N ASP C 55 5.69 41.92 8.01
CA ASP C 55 6.35 43.09 7.48
C ASP C 55 5.78 43.54 6.16
N GLY C 56 5.48 42.58 5.28
CA GLY C 56 5.11 42.89 3.92
C GLY C 56 6.31 42.94 2.98
N SER C 57 7.50 42.76 3.55
CA SER C 57 8.75 42.70 2.80
C SER C 57 8.78 41.44 1.93
N ASN C 58 9.57 41.47 0.87
CA ASN C 58 9.62 40.34 -0.06
C ASN C 58 10.97 40.13 -0.75
N LYS C 59 11.16 38.93 -1.27
CA LYS C 59 12.23 38.63 -2.23
C LYS C 59 11.68 37.80 -3.38
N TYR C 60 11.95 38.23 -4.60
CA TYR C 60 11.56 37.50 -5.79
C TYR C 60 12.78 36.93 -6.48
N ASN C 61 12.60 35.74 -7.04
CA ASN C 61 13.47 35.22 -8.09
C ASN C 61 13.36 36.17 -9.28
N GLU C 62 14.51 36.63 -9.77
CA GLU C 62 14.56 37.65 -10.81
C GLU C 62 13.66 37.35 -12.01
N LYS C 63 13.77 36.15 -12.56
CA LYS C 63 13.04 35.79 -13.78
C LYS C 63 11.51 35.68 -13.61
N PHE C 64 11.02 35.92 -12.39
CA PHE C 64 9.60 35.89 -12.10
C PHE C 64 9.04 37.24 -11.69
N LYS C 65 9.88 38.26 -11.68
CA LYS C 65 9.44 39.59 -11.25
C LYS C 65 8.34 40.20 -12.10
N ASP C 66 8.39 40.01 -13.42
CA ASP C 66 7.36 40.53 -14.31
C ASP C 66 6.08 39.70 -14.36
N LYS C 67 6.11 38.51 -13.79
CA LYS C 67 4.98 37.56 -13.89
C LYS C 67 4.32 37.14 -12.57
N ALA C 68 5.06 37.23 -11.47
CA ALA C 68 4.50 36.91 -10.16
C ALA C 68 4.39 38.15 -9.28
N THR C 69 3.41 38.14 -8.38
CA THR C 69 3.27 39.16 -7.34
C THR C 69 2.78 38.55 -6.03
N LEU C 70 3.43 38.91 -4.93
CA LEU C 70 3.13 38.33 -3.62
C LEU C 70 2.49 39.34 -2.69
N THR C 71 1.53 38.85 -1.92
CA THR C 71 0.61 39.70 -1.17
C THR C 71 0.15 38.90 0.04
N VAL C 72 -0.25 39.61 1.09
CA VAL C 72 -0.82 39.00 2.30
C VAL C 72 -1.99 39.80 2.83
N ASP C 73 -2.86 39.15 3.61
CA ASP C 73 -3.88 39.83 4.40
C ASP C 73 -3.71 39.24 5.80
N LYS C 74 -3.16 40.05 6.70
CA LYS C 74 -2.86 39.59 8.06
C LYS C 74 -4.12 39.12 8.79
N SER C 75 -5.19 39.89 8.66
CA SER C 75 -6.50 39.59 9.26
C SER C 75 -7.10 38.20 8.95
N SER C 76 -6.87 37.68 7.75
CA SER C 76 -7.40 36.37 7.36
C SER C 76 -6.30 35.32 7.31
N SER C 77 -5.11 35.68 7.78
CA SER C 77 -3.95 34.78 7.79
C SER C 77 -3.77 34.07 6.46
N THR C 78 -3.83 34.85 5.38
CA THR C 78 -3.81 34.31 4.02
C THR C 78 -2.73 34.99 3.17
N ALA C 79 -2.01 34.18 2.40
CA ALA C 79 -0.98 34.64 1.47
C ALA C 79 -1.47 34.47 0.03
N TYR C 80 -1.25 35.48 -0.80
CA TYR C 80 -1.75 35.48 -2.18
C TYR C 80 -0.62 35.57 -3.19
N MET C 81 -0.76 34.86 -4.29
CA MET C 81 0.10 35.09 -5.44
C MET C 81 -0.72 35.38 -6.70
N HIS C 82 -0.44 36.51 -7.32
CA HIS C 82 -1.06 36.90 -8.57
C HIS C 82 -0.13 36.55 -9.71
N LEU C 83 -0.65 35.79 -10.67
CA LEU C 83 0.08 35.46 -11.89
C LEU C 83 -0.47 36.25 -13.08
N SER C 84 0.39 37.02 -13.71
CA SER C 84 -0.02 37.96 -14.76
C SER C 84 0.38 37.49 -16.15
N SER C 85 -0.24 38.09 -17.16
CA SER C 85 0.04 37.84 -18.57
C SER C 85 0.16 36.37 -18.91
N LEU C 86 -0.66 35.54 -18.27
CA LEU C 86 -0.54 34.09 -18.36
C LEU C 86 -0.53 33.55 -19.77
N THR C 87 0.43 32.67 -20.04
CA THR C 87 0.50 31.94 -21.31
C THR C 87 0.37 30.46 -21.02
N SER C 88 0.27 29.65 -22.08
CA SER C 88 0.12 28.21 -21.94
C SER C 88 1.35 27.59 -21.26
N GLU C 89 2.53 28.07 -21.65
CA GLU C 89 3.81 27.70 -21.02
C GLU C 89 3.78 27.85 -19.50
N ASN C 90 2.98 28.78 -19.01
CA ASN C 90 2.89 29.04 -17.58
C ASN C 90 2.04 28.03 -16.82
N SER C 91 1.59 26.98 -17.51
CA SER C 91 0.79 25.95 -16.86
C SER C 91 1.64 25.10 -15.93
N ALA C 92 1.22 25.03 -14.66
CA ALA C 92 1.98 24.36 -13.61
C ALA C 92 1.17 24.18 -12.34
N VAL C 93 1.68 23.34 -11.45
CA VAL C 93 1.19 23.27 -10.08
C VAL C 93 2.01 24.27 -9.27
N TYR C 94 1.32 25.16 -8.56
CA TYR C 94 1.98 26.16 -7.72
C TYR C 94 1.77 25.85 -6.23
N PHE C 95 2.87 25.79 -5.50
CA PHE C 95 2.86 25.46 -4.07
C PHE C 95 3.16 26.67 -3.19
N CYS C 96 2.43 26.81 -2.09
CA CYS C 96 2.93 27.66 -1.02
C CYS C 96 3.55 26.76 0.06
N ALA C 97 4.52 27.30 0.78
CA ALA C 97 5.19 26.55 1.85
C ALA C 97 5.71 27.52 2.91
N ARG C 98 5.53 27.15 4.17
CA ARG C 98 6.04 27.94 5.28
C ARG C 98 7.57 27.90 5.29
N GLY C 99 8.19 29.02 5.61
CA GLY C 99 9.66 29.14 5.59
C GLY C 99 10.19 29.81 6.84
N TYR C 100 11.27 30.58 6.68
CA TYR C 100 12.09 31.06 7.82
C TYR C 100 11.37 31.95 8.84
N GLY C 101 11.65 31.66 10.10
CA GLY C 101 11.05 32.31 11.26
C GLY C 101 11.51 31.52 12.47
N LYS C 102 11.36 32.07 13.67
CA LYS C 102 11.95 31.47 14.88
C LYS C 102 11.92 29.93 14.90
N ASN C 103 13.12 29.34 14.83
CA ASN C 103 13.30 27.87 14.90
C ASN C 103 12.86 27.04 13.69
N VAL C 104 12.58 27.70 12.57
CA VAL C 104 12.31 27.01 11.31
C VAL C 104 13.38 27.42 10.30
N TYR C 105 14.06 26.44 9.73
CA TYR C 105 15.17 26.69 8.80
C TYR C 105 15.00 25.91 7.49
N ALA C 106 13.74 25.82 7.04
CA ALA C 106 13.39 25.00 5.88
C ALA C 106 11.95 25.24 5.48
N MET C 107 11.48 24.48 4.50
CA MET C 107 10.06 24.50 4.17
C MET C 107 9.40 23.26 4.75
N ASP C 108 8.99 23.38 6.02
CA ASP C 108 8.52 22.23 6.79
C ASP C 108 7.05 21.85 6.58
N TYR C 109 6.24 22.81 6.15
CA TYR C 109 4.85 22.52 5.83
C TYR C 109 4.46 23.19 4.52
N TRP C 110 3.99 22.38 3.57
CA TRP C 110 3.60 22.86 2.25
C TRP C 110 2.11 22.70 2.06
N GLY C 111 1.53 23.63 1.30
CA GLY C 111 0.13 23.52 0.85
C GLY C 111 -0.03 22.42 -0.18
N GLN C 112 -1.28 22.04 -0.46
CA GLN C 112 -1.57 20.89 -1.32
C GLN C 112 -1.32 21.20 -2.80
N GLY C 113 -1.02 22.46 -3.09
CA GLY C 113 -0.76 22.89 -4.44
C GLY C 113 -2.02 23.36 -5.12
N THR C 114 -1.86 24.33 -6.01
CA THR C 114 -2.93 24.78 -6.85
C THR C 114 -2.51 24.49 -8.29
N SER C 115 -3.34 23.74 -9.01
CA SER C 115 -3.09 23.45 -10.41
C SER C 115 -3.64 24.58 -11.30
N VAL C 116 -2.78 25.17 -12.13
CA VAL C 116 -3.23 26.22 -13.04
C VAL C 116 -3.02 25.81 -14.49
N THR C 117 -4.14 25.69 -15.19
CA THR C 117 -4.12 25.31 -16.60
C THR C 117 -4.46 26.54 -17.43
N VAL C 118 -3.58 26.90 -18.35
CA VAL C 118 -3.84 27.99 -19.28
C VAL C 118 -4.08 27.41 -20.67
N SER C 119 -5.30 27.57 -21.17
CA SER C 119 -5.69 26.92 -22.43
C SER C 119 -6.74 27.70 -23.17
N SER C 120 -6.67 27.63 -24.50
CA SER C 120 -7.68 28.22 -25.39
C SER C 120 -8.66 27.14 -25.83
N ALA C 121 -8.64 25.99 -25.16
CA ALA C 121 -9.51 24.89 -25.52
C ALA C 121 -10.87 24.94 -24.81
N LYS C 122 -11.87 24.34 -25.44
CA LYS C 122 -13.20 24.16 -24.89
C LYS C 122 -13.37 22.68 -24.54
N THR C 123 -14.22 22.37 -23.55
CA THR C 123 -14.47 20.98 -23.17
C THR C 123 -14.76 20.11 -24.40
N THR C 124 -13.93 19.09 -24.62
CA THR C 124 -14.01 18.27 -25.82
C THR C 124 -13.90 16.78 -25.48
N PRO C 125 -14.89 15.98 -25.90
CA PRO C 125 -14.84 14.54 -25.68
C PRO C 125 -13.81 13.86 -26.60
N PRO C 126 -13.24 12.73 -26.15
CA PRO C 126 -12.30 11.98 -26.98
C PRO C 126 -12.97 11.17 -28.08
N SER C 127 -12.19 10.84 -29.10
CA SER C 127 -12.55 9.79 -30.04
C SER C 127 -11.66 8.61 -29.63
N VAL C 128 -12.26 7.44 -29.55
CA VAL C 128 -11.53 6.27 -29.09
C VAL C 128 -11.42 5.30 -30.25
N TYR C 129 -10.19 4.93 -30.57
CA TYR C 129 -9.94 4.10 -31.73
C TYR C 129 -9.35 2.76 -31.33
N PRO C 130 -9.89 1.67 -31.90
CA PRO C 130 -9.41 0.34 -31.62
C PRO C 130 -8.05 0.09 -32.24
N LEU C 131 -7.10 -0.39 -31.43
CA LEU C 131 -5.81 -0.82 -31.96
C LEU C 131 -5.79 -2.35 -32.07
N ALA C 132 -5.88 -2.84 -33.31
CA ALA C 132 -5.90 -4.27 -33.62
C ALA C 132 -4.79 -4.61 -34.62
N PRO C 133 -4.17 -5.80 -34.47
CA PRO C 133 -3.00 -6.19 -35.29
C PRO C 133 -3.31 -6.57 -36.75
N GLY C 134 -2.29 -7.07 -37.47
CA GLY C 134 -2.43 -7.56 -38.86
C GLY C 134 -2.05 -9.03 -38.97
N THR C 139 2.99 -13.99 -34.27
CA THR C 139 1.75 -13.64 -33.58
C THR C 139 1.20 -14.85 -32.85
N ASN C 140 1.80 -15.21 -31.72
CA ASN C 140 1.40 -16.44 -31.04
C ASN C 140 0.89 -16.39 -29.61
N SER C 141 1.77 -16.54 -28.63
CA SER C 141 1.33 -16.90 -27.30
C SER C 141 0.43 -15.88 -26.63
N MET C 142 0.78 -14.62 -26.73
CA MET C 142 0.03 -13.56 -26.08
C MET C 142 -0.14 -12.40 -27.03
N VAL C 143 -1.18 -12.48 -27.84
CA VAL C 143 -1.51 -11.38 -28.75
C VAL C 143 -2.03 -10.20 -27.93
N THR C 144 -1.34 -9.07 -28.04
CA THR C 144 -1.67 -7.85 -27.28
C THR C 144 -2.49 -6.85 -28.10
N LEU C 145 -3.47 -6.21 -27.46
CA LEU C 145 -4.35 -5.26 -28.12
C LEU C 145 -4.20 -3.88 -27.49
N GLY C 146 -5.03 -2.93 -27.93
CA GLY C 146 -5.01 -1.58 -27.37
C GLY C 146 -6.10 -0.64 -27.89
N CYS C 147 -6.20 0.54 -27.29
CA CYS C 147 -7.08 1.57 -27.82
C CYS C 147 -6.53 3.00 -27.63
N LEU C 148 -6.67 3.82 -28.68
CA LEU C 148 -6.11 5.17 -28.71
C LEU C 148 -7.15 6.23 -28.40
N VAL C 149 -6.85 7.05 -27.41
CA VAL C 149 -7.78 8.04 -26.89
C VAL C 149 -7.24 9.42 -27.25
N LYS C 150 -7.86 10.04 -28.26
CA LYS C 150 -7.27 11.18 -28.94
C LYS C 150 -8.13 12.45 -28.96
N GLY C 151 -7.46 13.59 -28.78
CA GLY C 151 -8.05 14.91 -29.00
C GLY C 151 -9.10 15.38 -28.01
N TYR C 152 -8.90 15.06 -26.74
CA TYR C 152 -9.86 15.46 -25.70
C TYR C 152 -9.33 16.60 -24.86
N PHE C 153 -10.24 17.29 -24.17
CA PHE C 153 -9.91 18.35 -23.21
C PHE C 153 -11.08 18.57 -22.24
N PRO C 154 -10.79 18.76 -20.95
CA PRO C 154 -9.50 18.72 -20.27
C PRO C 154 -9.23 17.32 -19.70
N GLU C 155 -8.39 17.26 -18.67
CA GLU C 155 -8.13 16.02 -17.98
C GLU C 155 -9.00 15.90 -16.72
N PRO C 156 -9.08 14.70 -16.12
CA PRO C 156 -8.45 13.47 -16.57
C PRO C 156 -9.31 12.67 -17.54
N VAL C 157 -8.84 11.46 -17.86
CA VAL C 157 -9.59 10.49 -18.63
C VAL C 157 -9.37 9.13 -17.97
N THR C 158 -10.43 8.33 -17.90
CA THR C 158 -10.33 7.01 -17.27
C THR C 158 -10.33 5.90 -18.31
N VAL C 159 -9.35 5.01 -18.22
CA VAL C 159 -9.28 3.86 -19.11
C VAL C 159 -9.30 2.56 -18.32
N THR C 160 -10.13 1.63 -18.79
CA THR C 160 -10.38 0.38 -18.10
C THR C 160 -10.69 -0.71 -19.13
N TRP C 161 -10.32 -1.95 -18.83
CA TRP C 161 -10.48 -3.04 -19.77
C TRP C 161 -11.46 -4.09 -19.28
N ASN C 162 -12.46 -4.39 -20.12
CA ASN C 162 -13.57 -5.32 -19.82
C ASN C 162 -14.31 -5.02 -18.51
N SER C 163 -14.56 -3.73 -18.27
CA SER C 163 -15.19 -3.22 -17.05
C SER C 163 -14.38 -3.51 -15.78
N GLY C 164 -13.06 -3.59 -15.94
CA GLY C 164 -12.14 -3.82 -14.81
C GLY C 164 -11.88 -5.28 -14.49
N SER C 165 -12.58 -6.19 -15.16
CA SER C 165 -12.35 -7.63 -14.99
C SER C 165 -11.07 -8.05 -15.71
N LEU C 166 -10.27 -7.06 -16.12
CA LEU C 166 -9.03 -7.27 -16.83
C LEU C 166 -8.04 -6.17 -16.48
N SER C 167 -7.55 -6.20 -15.25
CA SER C 167 -6.60 -5.21 -14.74
C SER C 167 -5.16 -5.66 -14.99
N SER C 168 -4.96 -6.97 -15.00
CA SER C 168 -3.65 -7.57 -15.15
C SER C 168 -3.08 -7.36 -16.55
N GLY C 169 -1.83 -6.92 -16.61
CA GLY C 169 -1.12 -6.71 -17.89
C GLY C 169 -1.64 -5.54 -18.71
N VAL C 170 -1.85 -4.41 -18.05
CA VAL C 170 -2.49 -3.25 -18.65
C VAL C 170 -1.61 -2.02 -18.48
N HIS C 171 -1.36 -1.31 -19.58
CA HIS C 171 -0.57 -0.07 -19.55
C HIS C 171 -1.29 1.15 -20.14
N THR C 172 -1.81 1.99 -19.24
CA THR C 172 -2.41 3.25 -19.65
C THR C 172 -1.35 4.33 -19.52
N PHE C 173 -0.95 4.89 -20.67
CA PHE C 173 0.15 5.83 -20.75
C PHE C 173 -0.27 7.24 -20.37
N PRO C 174 0.62 8.02 -19.73
CA PRO C 174 0.26 9.41 -19.45
C PRO C 174 -0.07 10.19 -20.73
N ALA C 175 -1.09 11.04 -20.64
CA ALA C 175 -1.53 11.84 -21.77
C ALA C 175 -0.49 12.88 -22.19
N VAL C 176 -0.48 13.20 -23.49
CA VAL C 176 0.44 14.18 -24.04
C VAL C 176 -0.36 15.33 -24.62
N LEU C 177 0.22 16.53 -24.60
CA LEU C 177 -0.47 17.71 -25.09
C LEU C 177 0.10 18.18 -26.42
N GLN C 178 -0.73 18.13 -27.45
CA GLN C 178 -0.37 18.65 -28.77
C GLN C 178 -1.50 19.51 -29.32
N SER C 179 -1.17 20.73 -29.75
CA SER C 179 -2.14 21.61 -30.37
C SER C 179 -3.37 21.91 -29.51
N ASP C 180 -3.18 22.03 -28.21
CA ASP C 180 -4.27 22.38 -27.30
C ASP C 180 -5.18 21.21 -26.98
N LEU C 181 -4.80 20.01 -27.40
CA LEU C 181 -5.61 18.82 -27.15
C LEU C 181 -4.78 17.69 -26.55
N TYR C 182 -5.43 16.87 -25.74
CA TYR C 182 -4.76 15.78 -25.08
C TYR C 182 -4.98 14.47 -25.82
N THR C 183 -3.92 13.69 -25.93
CA THR C 183 -3.99 12.35 -26.48
C THR C 183 -3.35 11.39 -25.49
N LEU C 184 -3.84 10.16 -25.51
CA LEU C 184 -3.42 9.14 -24.56
C LEU C 184 -3.65 7.78 -25.21
N SER C 185 -2.96 6.76 -24.72
CA SER C 185 -3.12 5.40 -25.23
C SER C 185 -3.10 4.36 -24.10
N SER C 186 -3.84 3.28 -24.31
CA SER C 186 -3.79 2.14 -23.38
C SER C 186 -3.65 0.82 -24.14
N SER C 187 -2.89 -0.09 -23.55
CA SER C 187 -2.70 -1.43 -24.10
C SER C 187 -3.01 -2.53 -23.07
N VAL C 188 -3.32 -3.72 -23.58
CA VAL C 188 -3.58 -4.90 -22.76
C VAL C 188 -2.96 -6.12 -23.44
N THR C 189 -2.50 -7.08 -22.64
CA THR C 189 -1.96 -8.35 -23.17
C THR C 189 -2.80 -9.54 -22.70
N VAL C 190 -3.32 -10.30 -23.66
CA VAL C 190 -4.03 -11.55 -23.38
C VAL C 190 -3.46 -12.71 -24.20
N PRO C 191 -3.63 -13.96 -23.72
CA PRO C 191 -3.28 -15.12 -24.54
C PRO C 191 -4.08 -15.17 -25.84
N SER C 192 -3.45 -15.67 -26.91
CA SER C 192 -4.03 -15.66 -28.25
C SER C 192 -5.31 -16.48 -28.39
N SER C 193 -5.55 -17.37 -27.43
CA SER C 193 -6.74 -18.21 -27.42
C SER C 193 -7.98 -17.46 -26.93
N THR C 194 -7.76 -16.36 -26.21
CA THR C 194 -8.86 -15.57 -25.63
C THR C 194 -9.38 -14.49 -26.57
N TRP C 195 -8.67 -14.24 -27.66
CA TRP C 195 -9.09 -13.25 -28.65
C TRP C 195 -8.95 -13.79 -30.07
N PRO C 196 -9.99 -13.59 -30.92
CA PRO C 196 -11.22 -12.86 -30.63
C PRO C 196 -12.40 -13.74 -30.21
N SER C 197 -12.10 -14.89 -29.58
CA SER C 197 -13.16 -15.78 -29.09
C SER C 197 -13.96 -15.13 -27.95
N GLU C 198 -13.24 -14.71 -26.90
CA GLU C 198 -13.85 -13.91 -25.83
C GLU C 198 -13.76 -12.42 -26.19
N THR C 199 -14.75 -11.65 -25.76
CA THR C 199 -14.81 -10.21 -26.04
C THR C 199 -13.76 -9.44 -25.25
N VAL C 200 -13.15 -8.44 -25.89
CA VAL C 200 -12.25 -7.50 -25.20
C VAL C 200 -12.62 -6.04 -25.56
N THR C 201 -13.16 -5.33 -24.57
CA THR C 201 -13.68 -3.97 -24.73
C THR C 201 -12.92 -3.00 -23.84
N CYS C 202 -12.52 -1.85 -24.40
CA CYS C 202 -11.86 -0.83 -23.61
C CYS C 202 -12.84 0.26 -23.18
N ASN C 203 -12.78 0.60 -21.90
CA ASN C 203 -13.70 1.54 -21.29
C ASN C 203 -13.02 2.85 -21.01
N VAL C 204 -13.41 3.87 -21.77
CA VAL C 204 -12.87 5.21 -21.60
C VAL C 204 -13.96 6.13 -21.05
N ALA C 205 -13.63 6.84 -19.98
CA ALA C 205 -14.54 7.82 -19.39
C ALA C 205 -13.89 9.20 -19.31
N HIS C 206 -14.67 10.22 -19.64
CA HIS C 206 -14.24 11.61 -19.59
C HIS C 206 -15.32 12.36 -18.81
N PRO C 207 -15.05 12.67 -17.53
CA PRO C 207 -16.09 13.25 -16.68
C PRO C 207 -16.47 14.67 -17.07
N ALA C 208 -15.53 15.41 -17.65
CA ALA C 208 -15.77 16.79 -18.06
C ALA C 208 -16.85 16.93 -19.14
N SER C 209 -16.87 15.98 -20.08
CA SER C 209 -17.89 15.98 -21.13
C SER C 209 -19.04 15.03 -20.82
N SER C 210 -18.93 14.29 -19.71
CA SER C 210 -19.97 13.35 -19.28
C SER C 210 -20.22 12.21 -20.29
N THR C 211 -19.19 11.86 -21.06
CA THR C 211 -19.30 10.79 -22.04
C THR C 211 -18.45 9.57 -21.65
N LYS C 212 -18.96 8.39 -21.98
CA LYS C 212 -18.21 7.15 -21.86
C LYS C 212 -18.18 6.44 -23.20
N VAL C 213 -17.06 5.80 -23.51
CA VAL C 213 -16.91 5.04 -24.75
C VAL C 213 -16.49 3.61 -24.45
N ASP C 214 -17.17 2.65 -25.08
CA ASP C 214 -16.86 1.22 -24.90
C ASP C 214 -16.58 0.56 -26.25
N LYS C 215 -15.34 0.66 -26.70
CA LYS C 215 -14.95 0.12 -28.00
C LYS C 215 -14.55 -1.35 -27.88
N LYS C 216 -15.45 -2.22 -28.36
CA LYS C 216 -15.15 -3.63 -28.49
C LYS C 216 -14.13 -3.73 -29.61
N ILE C 217 -13.07 -4.50 -29.39
CA ILE C 217 -11.99 -4.65 -30.37
C ILE C 217 -12.26 -5.81 -31.34
N VAL C 218 -12.35 -5.48 -32.63
CA VAL C 218 -12.52 -6.49 -33.69
C VAL C 218 -11.27 -6.52 -34.58
N PRO C 219 -10.94 -7.72 -35.13
CA PRO C 219 -9.76 -7.85 -36.00
C PRO C 219 -9.73 -6.78 -37.10
N ARG C 220 -8.53 -6.37 -37.49
CA ARG C 220 -8.35 -5.28 -38.43
C ARG C 220 -8.96 -5.62 -39.78
N ASP C 221 -9.44 -4.61 -40.50
CA ASP C 221 -10.12 -4.83 -41.78
C ASP C 221 -9.16 -4.84 -42.97
N ASP D 1 21.09 32.18 -10.05
CA ASP D 1 22.55 32.43 -9.92
C ASP D 1 23.33 31.17 -9.56
N VAL D 2 22.87 30.46 -8.52
CA VAL D 2 23.52 29.25 -8.03
C VAL D 2 22.97 28.02 -8.75
N VAL D 3 23.86 27.12 -9.17
CA VAL D 3 23.48 25.89 -9.86
C VAL D 3 23.56 24.70 -8.89
N MET D 4 22.54 23.85 -8.93
CA MET D 4 22.44 22.71 -8.01
C MET D 4 22.42 21.36 -8.74
N THR D 5 23.58 20.72 -8.85
CA THR D 5 23.71 19.49 -9.65
C THR D 5 23.58 18.21 -8.84
N GLN D 6 22.46 17.50 -9.04
CA GLN D 6 22.24 16.18 -8.45
C GLN D 6 22.71 15.09 -9.41
N THR D 7 23.57 14.20 -8.92
CA THR D 7 23.98 13.01 -9.66
C THR D 7 23.92 11.80 -8.74
N PRO D 8 23.38 10.67 -9.24
CA PRO D 8 22.74 10.50 -10.55
C PRO D 8 21.32 11.05 -10.58
N LEU D 9 20.70 11.06 -11.77
CA LEU D 9 19.31 11.49 -11.90
C LEU D 9 18.35 10.33 -11.64
N SER D 10 18.73 9.14 -12.09
CA SER D 10 18.00 7.91 -11.77
C SER D 10 18.85 7.03 -10.89
N LEU D 11 18.23 6.41 -9.89
CA LEU D 11 18.96 5.57 -8.95
C LEU D 11 18.23 4.24 -8.72
N PRO D 12 18.65 3.19 -9.45
CA PRO D 12 18.12 1.85 -9.22
C PRO D 12 18.85 1.17 -8.07
N VAL D 13 18.11 0.84 -7.02
CA VAL D 13 18.63 0.09 -5.88
C VAL D 13 17.59 -0.94 -5.43
N SER D 14 18.04 -1.97 -4.71
CA SER D 14 17.16 -3.04 -4.27
C SER D 14 16.44 -2.70 -2.96
N LEU D 15 15.37 -3.43 -2.67
CA LEU D 15 14.65 -3.28 -1.40
C LEU D 15 15.50 -3.83 -0.25
N GLY D 16 15.63 -3.03 0.81
CA GLY D 16 16.48 -3.39 1.94
C GLY D 16 17.91 -2.89 1.75
N ASP D 17 18.33 -2.79 0.49
CA ASP D 17 19.66 -2.32 0.12
C ASP D 17 19.84 -0.83 0.43
N GLN D 18 21.09 -0.38 0.51
CA GLN D 18 21.40 1.01 0.86
C GLN D 18 21.47 1.90 -0.36
N ALA D 19 20.87 3.09 -0.26
CA ALA D 19 20.89 4.07 -1.33
C ALA D 19 21.64 5.35 -0.92
N SER D 20 22.36 5.94 -1.87
CA SER D 20 23.09 7.19 -1.64
C SER D 20 22.90 8.13 -2.82
N ILE D 21 22.58 9.40 -2.51
CA ILE D 21 22.40 10.45 -3.53
C ILE D 21 23.33 11.63 -3.22
N SER D 22 23.99 12.13 -4.26
CA SER D 22 24.88 13.28 -4.13
C SER D 22 24.20 14.55 -4.65
N CYS D 23 24.40 15.66 -3.92
CA CYS D 23 24.00 17.00 -4.37
C CYS D 23 25.18 17.96 -4.27
N ARG D 24 25.58 18.53 -5.42
CA ARG D 24 26.68 19.51 -5.43
C ARG D 24 26.19 20.91 -5.82
N SER D 25 27.03 21.91 -5.60
CA SER D 25 26.66 23.30 -5.87
C SER D 25 27.82 24.09 -6.48
N SER D 26 27.48 25.07 -7.32
CA SER D 26 28.48 25.86 -8.04
C SER D 26 29.21 26.88 -7.17
N GLN D 27 28.67 27.12 -5.96
CA GLN D 27 29.33 27.94 -4.94
C GLN D 27 28.82 27.59 -3.53
N THR D 28 29.47 28.16 -2.52
CA THR D 28 29.21 27.81 -1.11
C THR D 28 27.79 28.17 -0.65
N ILE D 29 27.22 27.32 0.21
CA ILE D 29 25.86 27.46 0.73
C ILE D 29 25.86 28.09 2.14
N VAL D 30 26.99 28.66 2.54
CA VAL D 30 27.12 29.28 3.86
C VAL D 30 26.52 30.68 3.88
N HIS D 31 25.42 30.82 4.64
CA HIS D 31 24.76 32.11 4.86
C HIS D 31 25.59 32.94 5.84
N SER D 32 25.38 34.26 5.84
CA SER D 32 26.12 35.18 6.69
C SER D 32 25.88 34.97 8.19
N ASN D 33 24.72 34.41 8.52
CA ASN D 33 24.39 34.06 9.91
C ASN D 33 25.09 32.80 10.39
N GLY D 34 25.68 32.06 9.45
CA GLY D 34 26.53 30.92 9.78
C GLY D 34 25.90 29.56 9.64
N TYR D 35 24.68 29.49 9.09
CA TYR D 35 24.03 28.21 8.85
C TYR D 35 23.98 27.87 7.35
N THR D 36 24.14 26.58 7.04
CA THR D 36 24.00 26.13 5.66
C THR D 36 22.59 25.58 5.45
N TYR D 37 21.76 26.39 4.78
CA TYR D 37 20.36 26.09 4.55
C TYR D 37 20.19 25.11 3.40
N LEU D 38 20.85 23.96 3.54
CA LEU D 38 20.76 22.88 2.58
C LEU D 38 19.74 21.86 3.08
N ASP D 39 18.68 21.68 2.29
CA ASP D 39 17.58 20.79 2.66
C ASP D 39 17.44 19.59 1.72
N TRP D 40 16.72 18.58 2.20
CA TRP D 40 16.31 17.48 1.35
C TRP D 40 14.79 17.31 1.37
N TYR D 41 14.21 17.19 0.18
CA TYR D 41 12.77 16.98 0.02
C TYR D 41 12.47 15.71 -0.73
N LEU D 42 11.31 15.13 -0.41
CA LEU D 42 10.83 13.92 -1.05
C LEU D 42 9.43 14.14 -1.61
N GLN D 43 9.27 13.93 -2.91
CA GLN D 43 7.96 14.02 -3.53
C GLN D 43 7.48 12.67 -4.03
N LYS D 44 6.38 12.19 -3.44
CA LYS D 44 5.60 11.08 -3.98
C LYS D 44 4.74 11.55 -5.16
N PRO D 45 4.33 10.62 -6.04
CA PRO D 45 3.48 10.98 -7.18
C PRO D 45 2.12 11.55 -6.75
N GLY D 46 1.78 12.72 -7.30
CA GLY D 46 0.51 13.40 -7.00
C GLY D 46 0.41 13.92 -5.58
N GLN D 47 1.55 14.33 -5.02
CA GLN D 47 1.61 14.80 -3.63
C GLN D 47 2.61 15.93 -3.46
N SER D 48 2.30 16.84 -2.54
CA SER D 48 3.20 17.94 -2.19
C SER D 48 4.54 17.38 -1.70
N PRO D 49 5.65 18.08 -1.99
CA PRO D 49 6.94 17.64 -1.44
C PRO D 49 6.97 17.71 0.09
N LYS D 50 7.60 16.72 0.71
CA LYS D 50 7.74 16.70 2.17
C LYS D 50 9.20 16.82 2.57
N LEU D 51 9.45 17.63 3.60
CA LEU D 51 10.80 17.80 4.14
C LEU D 51 11.26 16.55 4.89
N LEU D 52 12.49 16.11 4.58
CA LEU D 52 13.13 15.00 5.27
C LEU D 52 14.33 15.47 6.10
N ILE D 53 15.19 16.27 5.46
CA ILE D 53 16.38 16.81 6.11
C ILE D 53 16.52 18.31 5.83
N TYR D 54 16.80 19.05 6.89
CA TYR D 54 17.10 20.48 6.81
C TYR D 54 18.46 20.76 7.44
N LYS D 55 19.01 21.95 7.19
CA LYS D 55 20.32 22.37 7.73
C LYS D 55 21.36 21.26 7.65
N VAL D 56 21.67 20.82 6.42
CA VAL D 56 22.67 19.75 6.16
C VAL D 56 22.35 18.39 6.78
N SER D 57 22.33 18.34 8.11
CA SER D 57 22.34 17.10 8.88
C SER D 57 21.04 16.79 9.61
N ASN D 58 20.18 17.80 9.78
CA ASN D 58 19.05 17.69 10.71
C ASN D 58 17.82 17.07 10.11
N ARG D 59 17.38 15.97 10.72
CA ARG D 59 16.14 15.31 10.33
C ARG D 59 14.93 16.10 10.81
N PHE D 60 13.99 16.34 9.91
CA PHE D 60 12.72 16.92 10.30
C PHE D 60 11.97 15.92 11.18
N SER D 61 11.23 16.42 12.16
CA SER D 61 10.44 15.60 13.07
C SER D 61 9.48 14.65 12.34
N GLY D 62 9.51 13.37 12.72
CA GLY D 62 8.65 12.35 12.11
C GLY D 62 9.33 11.48 11.07
N VAL D 63 10.59 11.80 10.76
CA VAL D 63 11.38 11.07 9.77
C VAL D 63 12.22 9.98 10.46
N PRO D 64 12.08 8.72 10.01
CA PRO D 64 12.75 7.55 10.57
C PRO D 64 14.29 7.63 10.56
N ASP D 65 14.93 6.82 11.42
CA ASP D 65 16.40 6.76 11.57
C ASP D 65 17.16 6.56 10.27
N ARG D 66 16.60 5.73 9.38
CA ARG D 66 17.22 5.36 8.10
C ARG D 66 17.80 6.53 7.30
N PHE D 67 17.02 7.60 7.21
CA PHE D 67 17.40 8.80 6.44
C PHE D 67 18.48 9.62 7.15
N SER D 68 19.59 9.85 6.45
CA SER D 68 20.75 10.54 7.01
C SER D 68 21.35 11.49 5.98
N GLY D 69 21.67 12.70 6.43
CA GLY D 69 22.27 13.70 5.55
C GLY D 69 23.56 14.24 6.10
N SER D 70 24.56 14.36 5.22
CA SER D 70 25.83 14.97 5.56
C SER D 70 26.21 15.93 4.44
N GLY D 71 27.33 16.68 4.62
CA GLY D 71 27.80 17.58 3.56
C GLY D 71 28.78 18.65 4.04
N SER D 72 29.55 19.20 3.09
CA SER D 72 30.60 20.21 3.38
C SER D 72 30.88 21.04 2.13
N GLY D 73 30.79 22.36 2.28
CA GLY D 73 31.14 23.30 1.21
C GLY D 73 30.27 23.22 -0.04
N THR D 74 30.64 22.32 -0.95
CA THR D 74 29.99 22.22 -2.25
C THR D 74 29.46 20.80 -2.54
N ASP D 75 29.74 19.86 -1.64
CA ASP D 75 29.31 18.47 -1.82
C ASP D 75 28.46 17.98 -0.66
N PHE D 76 27.26 17.52 -1.00
CA PHE D 76 26.29 17.05 -0.01
C PHE D 76 25.78 15.66 -0.37
N THR D 77 25.41 14.89 0.65
CA THR D 77 24.97 13.52 0.46
C THR D 77 23.82 13.13 1.39
N LEU D 78 22.77 12.55 0.79
CA LEU D 78 21.73 11.86 1.53
C LEU D 78 21.94 10.35 1.40
N LYS D 79 21.87 9.63 2.51
CA LYS D 79 21.92 8.18 2.51
C LYS D 79 20.69 7.59 3.17
N ILE D 80 20.14 6.54 2.58
CA ILE D 80 19.08 5.75 3.21
C ILE D 80 19.64 4.35 3.52
N SER D 81 19.61 3.98 4.80
CA SER D 81 20.26 2.74 5.24
C SER D 81 19.57 1.47 4.72
N ARG D 82 18.25 1.43 4.85
CA ARG D 82 17.47 0.28 4.41
C ARG D 82 16.23 0.77 3.70
N VAL D 83 16.30 0.82 2.37
CA VAL D 83 15.24 1.37 1.54
C VAL D 83 14.00 0.47 1.59
N GLU D 84 12.88 1.08 1.95
CA GLU D 84 11.59 0.39 2.01
C GLU D 84 10.71 0.81 0.82
N ALA D 85 9.48 0.30 0.79
CA ALA D 85 8.50 0.67 -0.24
C ALA D 85 8.08 2.15 -0.12
N GLU D 86 7.73 2.56 1.10
CA GLU D 86 7.34 3.95 1.40
C GLU D 86 8.35 4.99 0.92
N ASP D 87 9.55 4.52 0.57
CA ASP D 87 10.70 5.40 0.30
C ASP D 87 10.88 5.76 -1.16
N LEU D 88 10.14 5.08 -2.03
CA LEU D 88 10.19 5.33 -3.46
C LEU D 88 9.59 6.71 -3.78
N GLY D 89 10.18 7.38 -4.75
CA GLY D 89 9.79 8.73 -5.14
C GLY D 89 10.97 9.59 -5.56
N VAL D 90 10.72 10.88 -5.74
CA VAL D 90 11.73 11.82 -6.22
C VAL D 90 12.28 12.66 -5.08
N TYR D 91 13.59 12.55 -4.87
CA TYR D 91 14.28 13.35 -3.87
C TYR D 91 14.91 14.58 -4.53
N TYR D 92 14.66 15.74 -3.95
CA TYR D 92 15.24 17.00 -4.42
C TYR D 92 16.10 17.61 -3.33
N CYS D 93 17.30 18.05 -3.70
CA CYS D 93 18.09 18.86 -2.78
C CYS D 93 17.75 20.32 -3.00
N PHE D 94 17.89 21.11 -1.94
CA PHE D 94 17.42 22.49 -1.95
C PHE D 94 18.42 23.45 -1.30
N GLN D 95 18.61 24.60 -1.94
CA GLN D 95 19.49 25.64 -1.44
C GLN D 95 18.63 26.84 -1.02
N GLY D 96 18.84 27.32 0.20
CA GLY D 96 18.05 28.43 0.74
C GLY D 96 18.84 29.61 1.28
N SER D 97 20.15 29.58 1.08
CA SER D 97 21.07 30.57 1.66
C SER D 97 21.22 31.82 0.79
N HIS D 98 21.32 31.62 -0.52
CA HIS D 98 21.47 32.73 -1.45
C HIS D 98 20.26 32.92 -2.37
N VAL D 99 19.89 34.18 -2.56
CA VAL D 99 18.86 34.57 -3.51
C VAL D 99 19.46 34.64 -4.92
N PRO D 100 18.83 33.98 -5.90
CA PRO D 100 17.60 33.18 -5.81
C PRO D 100 17.80 31.76 -5.29
N PHE D 101 16.96 31.35 -4.35
CA PHE D 101 16.95 29.97 -3.82
C PHE D 101 16.75 29.01 -4.99
N THR D 102 17.44 27.87 -4.97
CA THR D 102 17.39 26.94 -6.10
C THR D 102 17.11 25.49 -5.73
N PHE D 103 16.70 24.71 -6.72
CA PHE D 103 16.47 23.29 -6.57
C PHE D 103 17.41 22.49 -7.46
N GLY D 104 17.68 21.25 -7.05
CA GLY D 104 18.29 20.27 -7.92
C GLY D 104 17.24 19.75 -8.88
N SER D 105 17.68 19.10 -9.95
CA SER D 105 16.77 18.60 -10.98
C SER D 105 15.95 17.40 -10.51
N GLY D 106 16.45 16.69 -9.50
CA GLY D 106 15.76 15.55 -8.92
C GLY D 106 16.45 14.23 -9.15
N THR D 107 16.23 13.29 -8.23
CA THR D 107 16.70 11.93 -8.39
C THR D 107 15.55 10.96 -8.11
N LYS D 108 15.30 10.08 -9.08
CA LYS D 108 14.23 9.10 -8.96
C LYS D 108 14.69 7.81 -8.31
N LEU D 109 14.12 7.51 -7.16
CA LEU D 109 14.36 6.21 -6.52
C LEU D 109 13.46 5.18 -7.18
N GLU D 110 14.06 4.07 -7.60
CA GLU D 110 13.32 3.02 -8.31
C GLU D 110 13.92 1.62 -8.07
N ILE D 111 13.10 0.60 -8.31
CA ILE D 111 13.49 -0.79 -8.05
C ILE D 111 14.35 -1.37 -9.16
N LYS D 112 15.49 -1.92 -8.77
CA LYS D 112 16.44 -2.53 -9.69
C LYS D 112 16.05 -3.98 -9.99
N ARG D 113 16.01 -4.33 -11.26
CA ARG D 113 15.73 -5.70 -11.69
C ARG D 113 16.64 -6.12 -12.83
N ALA D 114 16.51 -7.37 -13.27
CA ALA D 114 17.25 -7.88 -14.42
C ALA D 114 16.88 -7.10 -15.68
N ASP D 115 17.81 -7.05 -16.63
CA ASP D 115 17.56 -6.45 -17.93
C ASP D 115 16.56 -7.28 -18.72
N ALA D 116 15.63 -6.60 -19.39
CA ALA D 116 14.61 -7.27 -20.19
C ALA D 116 14.28 -6.50 -21.47
N ALA D 117 14.16 -7.22 -22.58
CA ALA D 117 13.88 -6.62 -23.88
C ALA D 117 12.43 -6.14 -23.96
N PRO D 118 12.16 -5.12 -24.80
CA PRO D 118 10.77 -4.72 -24.97
C PRO D 118 9.96 -5.67 -25.87
N THR D 119 8.68 -5.81 -25.56
CA THR D 119 7.73 -6.43 -26.47
C THR D 119 7.14 -5.33 -27.35
N VAL D 120 7.56 -5.33 -28.61
CA VAL D 120 7.20 -4.27 -29.54
C VAL D 120 5.99 -4.68 -30.37
N SER D 121 5.03 -3.77 -30.45
CA SER D 121 3.81 -3.96 -31.24
C SER D 121 3.52 -2.70 -32.06
N ILE D 122 3.23 -2.89 -33.34
CA ILE D 122 2.83 -1.77 -34.23
C ILE D 122 1.37 -1.93 -34.69
N PHE D 123 0.61 -0.82 -34.69
CA PHE D 123 -0.82 -0.83 -35.01
C PHE D 123 -1.18 0.20 -36.08
N PRO D 124 -1.79 -0.26 -37.19
CA PRO D 124 -2.29 0.66 -38.22
C PRO D 124 -3.40 1.57 -37.68
N PRO D 125 -3.72 2.66 -38.40
CA PRO D 125 -4.93 3.39 -38.02
C PRO D 125 -6.15 2.50 -38.20
N SER D 126 -7.22 2.80 -37.47
CA SER D 126 -8.45 2.03 -37.54
C SER D 126 -9.34 2.52 -38.68
N SER D 127 -10.34 1.71 -39.05
CA SER D 127 -11.37 2.16 -39.98
C SER D 127 -11.98 3.48 -39.49
N GLU D 128 -12.35 3.51 -38.21
CA GLU D 128 -13.00 4.66 -37.61
C GLU D 128 -12.21 5.95 -37.82
N GLN D 129 -10.94 5.96 -37.42
CA GLN D 129 -10.10 7.15 -37.56
C GLN D 129 -9.96 7.60 -39.01
N LEU D 130 -9.65 6.65 -39.89
CA LEU D 130 -9.48 6.97 -41.31
C LEU D 130 -10.66 7.78 -41.82
N THR D 131 -11.87 7.38 -41.45
CA THR D 131 -13.09 8.08 -41.87
C THR D 131 -13.12 9.52 -41.39
N SER D 132 -12.60 9.77 -40.20
CA SER D 132 -12.52 11.11 -39.65
C SER D 132 -11.56 12.02 -40.45
N GLY D 133 -10.62 11.41 -41.17
CA GLY D 133 -9.65 12.17 -41.97
C GLY D 133 -8.23 12.21 -41.41
N GLY D 134 -8.04 11.68 -40.20
CA GLY D 134 -6.71 11.56 -39.60
C GLY D 134 -6.20 10.13 -39.72
N ALA D 135 -4.93 9.92 -39.37
CA ALA D 135 -4.33 8.59 -39.42
C ALA D 135 -3.15 8.46 -38.45
N SER D 136 -3.41 7.81 -37.31
CA SER D 136 -2.39 7.58 -36.30
C SER D 136 -1.89 6.15 -36.32
N VAL D 137 -0.57 6.00 -36.40
CA VAL D 137 0.07 4.69 -36.33
C VAL D 137 0.72 4.56 -34.96
N VAL D 138 0.26 3.57 -34.19
CA VAL D 138 0.70 3.40 -32.81
C VAL D 138 1.66 2.25 -32.70
N CYS D 139 2.71 2.46 -31.91
CA CYS D 139 3.73 1.45 -31.67
C CYS D 139 3.98 1.36 -30.18
N PHE D 140 3.57 0.25 -29.56
CA PHE D 140 3.84 0.02 -28.13
C PHE D 140 5.19 -0.65 -27.93
N LEU D 141 5.90 -0.23 -26.89
CA LEU D 141 7.14 -0.89 -26.46
C LEU D 141 7.00 -1.21 -24.99
N ASN D 142 6.69 -2.47 -24.68
CA ASN D 142 6.22 -2.82 -23.33
C ASN D 142 7.14 -3.69 -22.49
N ASN D 143 7.06 -3.49 -21.17
CA ASN D 143 7.79 -4.29 -20.18
C ASN D 143 9.28 -4.46 -20.47
N PHE D 144 10.01 -3.35 -20.44
CA PHE D 144 11.46 -3.37 -20.67
C PHE D 144 12.22 -2.74 -19.50
N TYR D 145 13.51 -3.06 -19.41
CA TYR D 145 14.39 -2.52 -18.37
C TYR D 145 15.85 -2.52 -18.85
N PRO D 146 16.58 -1.40 -18.65
CA PRO D 146 16.19 -0.17 -17.94
C PRO D 146 15.39 0.80 -18.81
N LYS D 147 15.06 1.97 -18.25
CA LYS D 147 14.21 2.97 -18.92
C LYS D 147 14.75 3.42 -20.27
N ASP D 148 16.04 3.77 -20.29
CA ASP D 148 16.68 4.35 -21.48
C ASP D 148 16.36 3.53 -22.73
N ILE D 149 15.65 4.15 -23.67
CA ILE D 149 15.25 3.50 -24.92
C ILE D 149 15.06 4.53 -26.05
N ASN D 150 15.19 4.06 -27.29
CA ASN D 150 15.07 4.91 -28.46
C ASN D 150 14.10 4.35 -29.49
N VAL D 151 13.23 5.21 -30.03
CA VAL D 151 12.27 4.82 -31.07
C VAL D 151 12.54 5.58 -32.37
N LYS D 152 12.52 4.86 -33.48
CA LYS D 152 12.72 5.45 -34.80
C LYS D 152 11.58 5.04 -35.73
N TRP D 153 11.05 6.01 -36.48
CA TRP D 153 9.96 5.75 -37.41
C TRP D 153 10.44 5.80 -38.86
N LYS D 154 10.03 4.81 -39.65
CA LYS D 154 10.32 4.82 -41.08
C LYS D 154 9.05 4.67 -41.92
N ILE D 155 8.94 5.51 -42.95
CA ILE D 155 7.85 5.44 -43.92
C ILE D 155 8.45 5.16 -45.28
N ASP D 156 8.13 3.99 -45.84
CA ASP D 156 8.71 3.53 -47.10
C ASP D 156 10.24 3.56 -47.07
N GLY D 157 10.81 3.24 -45.91
CA GLY D 157 12.26 3.20 -45.74
C GLY D 157 12.93 4.49 -45.32
N SER D 158 12.17 5.58 -45.30
CA SER D 158 12.67 6.92 -44.94
C SER D 158 12.34 7.28 -43.50
N GLU D 159 13.32 7.82 -42.79
CA GLU D 159 13.12 8.26 -41.40
C GLU D 159 12.15 9.43 -41.34
N ARG D 160 11.23 9.36 -40.38
CA ARG D 160 10.25 10.41 -40.13
C ARG D 160 10.43 10.93 -38.71
N GLN D 161 10.50 12.25 -38.57
CA GLN D 161 10.70 12.88 -37.26
C GLN D 161 9.51 13.76 -36.83
N ASN D 162 8.96 14.52 -37.78
CA ASN D 162 7.83 15.40 -37.49
C ASN D 162 6.53 14.62 -37.37
N GLY D 163 5.75 14.95 -36.34
CA GLY D 163 4.47 14.29 -36.10
C GLY D 163 4.51 13.03 -35.24
N VAL D 164 5.61 12.84 -34.52
CA VAL D 164 5.73 11.72 -33.57
C VAL D 164 5.50 12.25 -32.17
N LEU D 165 4.74 11.50 -31.36
CA LEU D 165 4.57 11.83 -29.93
C LEU D 165 4.75 10.64 -29.01
N ASN D 166 5.62 10.81 -28.02
CA ASN D 166 6.02 9.72 -27.13
C ASN D 166 5.59 9.90 -25.68
N SER D 167 5.16 8.78 -25.07
CA SER D 167 4.66 8.79 -23.70
C SER D 167 5.21 7.60 -22.90
N TRP D 168 5.70 7.86 -21.69
CA TRP D 168 6.39 6.88 -20.85
C TRP D 168 5.70 6.59 -19.52
N THR D 169 5.53 5.32 -19.18
CA THR D 169 4.95 4.95 -17.87
C THR D 169 5.99 4.98 -16.76
N ASP D 170 5.53 5.19 -15.53
CA ASP D 170 6.33 4.95 -14.34
C ASP D 170 6.54 3.45 -14.18
N GLN D 171 7.45 3.08 -13.27
CA GLN D 171 7.77 1.68 -12.99
C GLN D 171 6.54 0.93 -12.51
N ASP D 172 6.36 -0.28 -13.04
CA ASP D 172 5.20 -1.10 -12.72
C ASP D 172 5.20 -1.61 -11.27
N SER D 173 3.99 -1.74 -10.70
CA SER D 173 3.79 -2.21 -9.33
C SER D 173 4.17 -3.69 -9.15
N LYS D 174 3.99 -4.48 -10.20
CA LYS D 174 4.07 -5.94 -10.11
C LYS D 174 5.41 -6.50 -10.57
N ASP D 175 5.82 -6.19 -11.80
CA ASP D 175 7.05 -6.72 -12.37
C ASP D 175 8.17 -5.68 -12.50
N SER D 176 8.02 -4.56 -11.79
CA SER D 176 9.03 -3.51 -11.68
C SER D 176 9.74 -3.17 -12.98
N THR D 177 8.95 -2.88 -14.01
CA THR D 177 9.46 -2.63 -15.36
C THR D 177 8.80 -1.42 -16.04
N TYR D 178 9.27 -1.09 -17.24
CA TYR D 178 8.89 0.14 -17.95
C TYR D 178 8.27 -0.09 -19.32
N SER D 179 7.46 0.87 -19.77
CA SER D 179 6.72 0.77 -21.02
C SER D 179 6.65 2.12 -21.75
N MET D 180 6.53 2.09 -23.07
CA MET D 180 6.51 3.31 -23.88
C MET D 180 5.56 3.16 -25.08
N SER D 181 4.81 4.22 -25.36
CA SER D 181 3.96 4.27 -26.54
C SER D 181 4.41 5.38 -27.46
N SER D 182 4.35 5.11 -28.76
CA SER D 182 4.83 6.04 -29.77
C SER D 182 3.82 6.13 -30.90
N THR D 183 3.30 7.33 -31.10
CA THR D 183 2.23 7.59 -32.05
C THR D 183 2.69 8.51 -33.16
N LEU D 184 2.65 8.01 -34.39
CA LEU D 184 2.93 8.82 -35.56
C LEU D 184 1.60 9.23 -36.19
N THR D 185 1.32 10.54 -36.15
CA THR D 185 0.07 11.08 -36.66
C THR D 185 0.26 11.75 -38.01
N LEU D 186 -0.48 11.28 -39.00
CA LEU D 186 -0.42 11.76 -40.37
C LEU D 186 -1.82 12.17 -40.82
N THR D 187 -1.95 12.78 -41.99
CA THR D 187 -3.27 12.97 -42.59
C THR D 187 -3.63 11.71 -43.35
N LYS D 188 -4.93 11.44 -43.48
CA LYS D 188 -5.40 10.30 -44.25
C LYS D 188 -4.78 10.30 -45.64
N ASP D 189 -4.68 11.48 -46.25
CA ASP D 189 -4.11 11.62 -47.59
C ASP D 189 -2.64 11.19 -47.63
N GLU D 190 -1.83 11.73 -46.71
CA GLU D 190 -0.44 11.32 -46.64
C GLU D 190 -0.30 9.83 -46.37
N TYR D 191 -1.04 9.32 -45.40
CA TYR D 191 -0.97 7.91 -45.03
C TYR D 191 -1.27 6.97 -46.21
N GLU D 192 -2.18 7.39 -47.08
CA GLU D 192 -2.58 6.58 -48.22
C GLU D 192 -1.61 6.66 -49.41
N ARG D 193 -0.66 7.58 -49.35
CA ARG D 193 0.38 7.69 -50.38
C ARG D 193 1.44 6.63 -50.19
N HIS D 194 1.63 6.19 -48.94
CA HIS D 194 2.72 5.29 -48.60
C HIS D 194 2.26 3.89 -48.27
N ASN D 195 3.21 2.94 -48.29
CA ASN D 195 2.90 1.53 -48.10
C ASN D 195 3.43 0.92 -46.80
N SER D 196 4.74 1.00 -46.57
CA SER D 196 5.35 0.34 -45.42
C SER D 196 5.58 1.29 -44.24
N TYR D 197 5.15 0.85 -43.06
CA TYR D 197 5.33 1.60 -41.83
C TYR D 197 6.03 0.73 -40.81
N THR D 198 7.08 1.28 -40.20
CA THR D 198 7.89 0.53 -39.25
C THR D 198 8.29 1.42 -38.07
N CYS D 199 8.26 0.86 -36.86
CA CYS D 199 8.88 1.52 -35.71
C CYS D 199 10.05 0.66 -35.22
N GLU D 200 11.21 1.29 -35.03
CA GLU D 200 12.42 0.60 -34.63
C GLU D 200 12.86 1.00 -33.23
N ALA D 201 12.98 0.01 -32.35
CA ALA D 201 13.46 0.23 -30.99
C ALA D 201 14.91 -0.23 -30.84
N THR D 202 15.77 0.66 -30.33
CA THR D 202 17.12 0.25 -29.90
C THR D 202 17.18 0.31 -28.37
N HIS D 203 17.73 -0.73 -27.77
CA HIS D 203 17.74 -0.90 -26.32
C HIS D 203 19.04 -1.59 -25.91
N LYS D 204 19.39 -1.46 -24.63
CA LYS D 204 20.59 -2.08 -24.06
C LYS D 204 20.69 -3.59 -24.34
N THR D 205 19.53 -4.24 -24.40
CA THR D 205 19.44 -5.71 -24.54
C THR D 205 20.05 -6.25 -25.84
N SER D 206 20.08 -5.42 -26.87
CA SER D 206 20.63 -5.84 -28.16
C SER D 206 21.37 -4.74 -28.93
N THR D 207 22.37 -5.15 -29.70
CA THR D 207 23.09 -4.27 -30.60
C THR D 207 22.25 -4.02 -31.86
N SER D 208 21.38 -4.99 -32.17
CA SER D 208 20.45 -4.88 -33.30
C SER D 208 19.05 -4.51 -32.83
N PRO D 209 18.45 -3.46 -33.44
CA PRO D 209 17.13 -2.95 -33.06
C PRO D 209 15.99 -3.95 -33.30
N ILE D 210 14.95 -3.89 -32.46
CA ILE D 210 13.72 -4.65 -32.73
C ILE D 210 12.86 -3.89 -33.72
N VAL D 211 12.61 -4.52 -34.86
CA VAL D 211 11.85 -3.90 -35.94
C VAL D 211 10.47 -4.56 -36.03
N LYS D 212 9.44 -3.75 -35.90
CA LYS D 212 8.07 -4.21 -36.14
C LYS D 212 7.45 -3.31 -37.21
N SER D 213 6.85 -3.95 -38.21
CA SER D 213 6.47 -3.26 -39.42
C SER D 213 5.13 -3.76 -39.95
N PHE D 214 4.50 -2.96 -40.80
CA PHE D 214 3.35 -3.45 -41.58
C PHE D 214 3.26 -2.73 -42.92
N ASN D 215 2.83 -3.47 -43.94
CA ASN D 215 2.53 -2.90 -45.23
C ASN D 215 1.06 -2.54 -45.30
N ARG D 216 0.76 -1.35 -45.82
CA ARG D 216 -0.61 -0.86 -45.94
C ARG D 216 -1.46 -1.77 -46.82
N ASN D 217 -0.84 -2.29 -47.89
CA ASN D 217 -1.52 -3.17 -48.86
C ASN D 217 -1.66 -4.63 -48.44
N GLU D 218 -1.12 -4.98 -47.26
CA GLU D 218 -1.21 -6.34 -46.72
C GLU D 218 -1.96 -6.36 -45.40
C1 GOL E . -18.91 15.74 19.90
O1 GOL E . -19.78 14.85 20.57
C2 GOL E . -18.34 15.09 18.64
O2 GOL E . -18.57 13.69 18.62
C3 GOL E . -16.84 15.37 18.60
O3 GOL E . -16.52 15.98 17.37
#